data_1QK2
#
_entry.id   1QK2
#
_cell.length_a   48.830
_cell.length_b   74.700
_cell.length_c   91.840
_cell.angle_alpha   90.00
_cell.angle_beta   104.12
_cell.angle_gamma   90.00
#
_symmetry.space_group_name_H-M   'P 1 21 1'
#
loop_
_entity.id
_entity.type
_entity.pdbx_description
1 polymer 'CELLOBIOHYDROLASE CEL6A (FORMERLY CALLED CBH II)'
2 branched 'alpha-D-glucopyranose-(1-4)-alpha-D-glucopyranose-(1-4)-4-thio-beta-D-glucopyranose-(1-4)-methyl beta-D-glucopyranoside'
3 non-polymer 2-acetamido-2-deoxy-beta-D-glucopyranose
4 non-polymer alpha-D-mannopyranose
5 water water
#
_entity_poly.entity_id   1
_entity_poly.type   'polypeptide(L)'
_entity_poly.pdbx_seq_one_letter_code
;TATYSGNPFVGVTPWANAYYASEVSSLAIPSLTGAMATAAAAVAKVPSFMWLDTLDKTPLMEQTLADIRTANKNGGNYAG
QFVVYDLPDRDCAALASNGEYSIADGGVAKYKNYIDTIRQIVVEYSDIRTLLVIEPDSLANLVTNLGTPKCANAQSAYLE
CINYAVTQLNLPNVAMYLDAGHAGWLGWPANQDPAAQLFANVYKNASSPRALRGLATNVANYNGWNITSPPSYTQGNAVY
NEKLYIHAIGPLLANHGWSNAFFITDQGRSGKQPTGQQQWGDWCNVIGTGFGIRPSANTGDSLLDSFVWVKPGGECDGTS
DSSAPRFDSHCALPDALQPAPQAGAWFQAYFVQLLTNANPSFL
;
_entity_poly.pdbx_strand_id   A,B
#
# COMPACT_ATOMS: atom_id res chain seq x y z
N THR A 1 18.87 24.92 -23.90
CA THR A 1 18.51 23.65 -24.63
C THR A 1 18.20 22.52 -23.64
N ALA A 2 17.05 21.88 -23.85
CA ALA A 2 16.62 20.77 -22.98
C ALA A 2 17.27 19.45 -23.40
N THR A 3 18.53 19.29 -23.04
CA THR A 3 19.26 18.07 -23.39
C THR A 3 18.97 16.96 -22.38
N TYR A 4 19.37 15.73 -22.72
CA TYR A 4 19.13 14.59 -21.84
C TYR A 4 20.08 13.43 -22.10
N SER A 5 20.09 12.48 -21.17
CA SER A 5 20.91 11.27 -21.25
C SER A 5 20.00 10.10 -20.87
N GLY A 6 19.98 9.07 -21.71
CA GLY A 6 19.14 7.92 -21.41
C GLY A 6 17.69 8.18 -21.76
N ASN A 7 16.79 7.61 -20.96
CA ASN A 7 15.34 7.73 -21.18
C ASN A 7 14.85 9.19 -21.20
N PRO A 8 14.47 9.70 -22.39
CA PRO A 8 13.99 11.08 -22.50
C PRO A 8 12.71 11.40 -21.73
N PHE A 9 12.03 10.37 -21.23
CA PHE A 9 10.80 10.59 -20.47
C PHE A 9 11.07 10.80 -18.99
N VAL A 10 12.32 10.57 -18.59
CA VAL A 10 12.70 10.76 -17.19
C VAL A 10 13.21 12.19 -17.00
N GLY A 11 12.83 12.82 -15.90
CA GLY A 11 13.28 14.18 -15.64
C GLY A 11 12.40 15.25 -16.23
N VAL A 12 11.28 14.86 -16.83
CA VAL A 12 10.34 15.81 -17.40
C VAL A 12 8.93 15.26 -17.26
N THR A 13 7.95 16.11 -17.56
CA THR A 13 6.55 15.74 -17.46
C THR A 13 5.86 16.03 -18.79
N PRO A 14 5.25 15.00 -19.39
CA PRO A 14 4.56 15.19 -20.67
C PRO A 14 3.47 16.24 -20.57
N TRP A 15 3.46 17.16 -21.52
CA TRP A 15 2.48 18.22 -21.54
C TRP A 15 1.13 17.71 -22.06
N ALA A 16 0.05 18.10 -21.39
CA ALA A 16 -1.29 17.71 -21.83
C ALA A 16 -1.71 18.95 -22.62
N ASN A 17 -1.81 18.81 -23.94
CA ASN A 17 -2.13 19.94 -24.80
C ASN A 17 -3.56 20.48 -24.73
N ALA A 18 -3.69 21.77 -25.04
CA ALA A 18 -4.97 22.47 -25.02
C ALA A 18 -5.92 21.98 -26.12
N TYR A 19 -5.37 21.49 -27.22
CA TYR A 19 -6.18 20.99 -28.32
C TYR A 19 -7.12 19.89 -27.83
N TYR A 20 -6.56 18.81 -27.33
CA TYR A 20 -7.34 17.68 -26.82
C TYR A 20 -8.26 18.13 -25.67
N ALA A 21 -7.72 18.89 -24.73
CA ALA A 21 -8.49 19.36 -23.59
C ALA A 21 -9.73 20.13 -24.05
N SER A 22 -9.59 20.90 -25.13
CA SER A 22 -10.70 21.66 -25.68
C SER A 22 -11.79 20.72 -26.19
N GLU A 23 -11.38 19.65 -26.87
CA GLU A 23 -12.32 18.67 -27.41
C GLU A 23 -13.15 18.05 -26.30
N VAL A 24 -12.48 17.55 -25.26
CA VAL A 24 -13.16 16.92 -24.13
C VAL A 24 -14.09 17.91 -23.43
N SER A 25 -13.53 19.06 -23.04
CA SER A 25 -14.29 20.08 -22.33
C SER A 25 -15.41 20.78 -23.10
N SER A 26 -15.24 20.97 -24.41
CA SER A 26 -16.28 21.64 -25.19
C SER A 26 -17.16 20.73 -26.04
N LEU A 27 -16.63 19.57 -26.41
CA LEU A 27 -17.41 18.66 -27.23
C LEU A 27 -17.97 17.49 -26.45
N ALA A 28 -17.28 17.08 -25.39
CA ALA A 28 -17.74 15.93 -24.61
C ALA A 28 -18.46 16.25 -23.30
N ILE A 29 -17.84 17.05 -22.44
CA ILE A 29 -18.43 17.37 -21.14
C ILE A 29 -19.85 17.96 -21.14
N PRO A 30 -20.16 18.87 -22.07
CA PRO A 30 -21.51 19.45 -22.09
C PRO A 30 -22.60 18.39 -22.34
N SER A 31 -22.18 17.21 -22.78
CA SER A 31 -23.11 16.13 -23.05
C SER A 31 -23.23 15.18 -21.86
N LEU A 32 -22.33 15.33 -20.90
CA LEU A 32 -22.31 14.45 -19.72
C LEU A 32 -22.80 15.11 -18.44
N THR A 33 -23.02 14.30 -17.41
CA THR A 33 -23.48 14.76 -16.11
C THR A 33 -22.96 13.84 -15.00
N GLY A 34 -23.06 14.31 -13.76
CA GLY A 34 -22.62 13.53 -12.62
C GLY A 34 -21.20 12.97 -12.67
N ALA A 35 -21.06 11.71 -12.27
CA ALA A 35 -19.78 11.03 -12.22
C ALA A 35 -19.05 11.04 -13.56
N MET A 36 -19.79 10.76 -14.64
CA MET A 36 -19.19 10.74 -15.97
C MET A 36 -18.61 12.10 -16.36
N ALA A 37 -19.34 13.17 -16.09
CA ALA A 37 -18.87 14.51 -16.42
C ALA A 37 -17.60 14.83 -15.67
N THR A 38 -17.53 14.39 -14.41
CA THR A 38 -16.36 14.65 -13.59
C THR A 38 -15.17 13.77 -13.98
N ALA A 39 -15.46 12.54 -14.40
CA ALA A 39 -14.41 11.61 -14.82
C ALA A 39 -13.80 12.10 -16.14
N ALA A 40 -14.65 12.65 -17.01
CA ALA A 40 -14.19 13.17 -18.30
C ALA A 40 -13.23 14.34 -18.11
N ALA A 41 -13.48 15.18 -17.12
CA ALA A 41 -12.60 16.33 -16.88
C ALA A 41 -11.19 15.84 -16.57
N ALA A 42 -11.09 14.69 -15.93
CA ALA A 42 -9.81 14.11 -15.58
C ALA A 42 -9.03 13.61 -16.81
N VAL A 43 -9.76 13.03 -17.76
CA VAL A 43 -9.14 12.50 -18.97
C VAL A 43 -8.35 13.57 -19.72
N ALA A 44 -8.87 14.79 -19.73
CA ALA A 44 -8.20 15.88 -20.43
C ALA A 44 -6.85 16.25 -19.82
N LYS A 45 -6.58 15.75 -18.61
CA LYS A 45 -5.32 16.04 -17.94
C LYS A 45 -4.25 14.99 -18.21
N VAL A 46 -4.64 13.92 -18.87
CA VAL A 46 -3.69 12.86 -19.20
C VAL A 46 -3.00 13.32 -20.49
N PRO A 47 -1.67 13.41 -20.49
CA PRO A 47 -0.94 13.84 -21.68
C PRO A 47 -1.02 12.86 -22.85
N SER A 48 -1.31 13.39 -24.03
CA SER A 48 -1.41 12.60 -25.25
C SER A 48 -0.69 13.37 -26.37
N PHE A 49 -0.27 12.65 -27.42
CA PHE A 49 0.42 13.28 -28.53
C PHE A 49 -0.46 14.14 -29.44
N MET A 50 0.09 15.26 -29.90
CA MET A 50 -0.60 16.15 -30.82
C MET A 50 -0.16 15.74 -32.23
N TRP A 51 -1.12 15.43 -33.09
CA TRP A 51 -0.78 15.01 -34.45
C TRP A 51 -0.65 16.17 -35.42
N LEU A 52 0.48 16.21 -36.12
CA LEU A 52 0.77 17.23 -37.12
C LEU A 52 0.43 16.58 -38.46
N ASP A 53 -0.84 16.23 -38.63
CA ASP A 53 -1.32 15.53 -39.82
C ASP A 53 -1.47 16.38 -41.09
N THR A 54 -1.31 17.69 -40.95
CA THR A 54 -1.38 18.58 -42.12
C THR A 54 -0.40 19.72 -41.90
N LEU A 55 -0.10 20.46 -42.95
CA LEU A 55 0.83 21.57 -42.83
C LEU A 55 0.16 22.68 -42.02
N ASP A 56 -1.16 22.82 -42.19
CA ASP A 56 -1.91 23.84 -41.46
C ASP A 56 -1.87 23.61 -39.96
N LYS A 57 -1.45 22.42 -39.54
CA LYS A 57 -1.36 22.09 -38.13
C LYS A 57 -0.06 22.58 -37.47
N THR A 58 0.95 22.88 -38.28
CA THR A 58 2.23 23.32 -37.72
C THR A 58 2.17 24.57 -36.83
N PRO A 59 1.33 25.55 -37.16
CA PRO A 59 1.28 26.73 -36.28
C PRO A 59 0.84 26.31 -34.87
N LEU A 60 0.04 25.25 -34.80
CA LEU A 60 -0.46 24.71 -33.54
C LEU A 60 0.69 24.13 -32.73
N MET A 61 1.69 23.59 -33.41
CA MET A 61 2.84 23.04 -32.71
C MET A 61 3.59 24.17 -32.02
N GLU A 62 3.80 25.28 -32.72
CA GLU A 62 4.50 26.41 -32.11
C GLU A 62 3.71 26.96 -30.94
N GLN A 63 2.40 27.09 -31.12
CA GLN A 63 1.54 27.61 -30.06
C GLN A 63 1.66 26.71 -28.82
N THR A 64 1.63 25.41 -29.03
CA THR A 64 1.75 24.44 -27.94
C THR A 64 3.11 24.64 -27.26
N LEU A 65 4.17 24.75 -28.05
CA LEU A 65 5.51 24.96 -27.51
C LEU A 65 5.59 26.30 -26.79
N ALA A 66 4.89 27.30 -27.31
CA ALA A 66 4.88 28.62 -26.68
C ALA A 66 4.25 28.47 -25.29
N ASP A 67 3.17 27.69 -25.21
CA ASP A 67 2.47 27.46 -23.94
C ASP A 67 3.38 26.75 -22.94
N ILE A 68 4.11 25.75 -23.43
CA ILE A 68 5.01 25.00 -22.57
C ILE A 68 6.12 25.89 -22.02
N ARG A 69 6.67 26.77 -22.85
CA ARG A 69 7.73 27.65 -22.39
C ARG A 69 7.21 28.51 -21.26
N THR A 70 6.02 29.06 -21.43
CA THR A 70 5.43 29.89 -20.39
C THR A 70 5.33 29.08 -19.11
N ALA A 71 4.75 27.88 -19.21
CA ALA A 71 4.60 27.02 -18.04
C ALA A 71 5.94 26.69 -17.38
N ASN A 72 6.94 26.36 -18.22
CA ASN A 72 8.26 26.00 -17.71
C ASN A 72 8.96 27.16 -17.03
N LYS A 73 8.52 28.38 -17.32
CA LYS A 73 9.11 29.56 -16.69
C LYS A 73 8.64 29.58 -15.23
N ASN A 74 7.46 29.02 -15.00
CA ASN A 74 6.91 28.94 -13.66
C ASN A 74 7.19 27.58 -13.00
N GLY A 75 8.30 26.96 -13.41
CA GLY A 75 8.70 25.68 -12.88
C GLY A 75 7.97 24.44 -13.37
N GLY A 76 7.29 24.56 -14.52
CA GLY A 76 6.55 23.44 -15.06
C GLY A 76 7.34 22.21 -15.46
N ASN A 77 8.51 22.41 -16.07
CA ASN A 77 9.35 21.29 -16.49
C ASN A 77 8.57 20.31 -17.38
N TYR A 78 7.87 20.86 -18.37
CA TYR A 78 7.08 20.06 -19.29
C TYR A 78 7.80 19.80 -20.60
N ALA A 79 7.40 18.73 -21.28
CA ALA A 79 7.97 18.34 -22.56
C ALA A 79 6.86 18.25 -23.61
N GLY A 80 7.15 18.65 -24.84
CA GLY A 80 6.15 18.58 -25.88
C GLY A 80 6.08 17.20 -26.51
N GLN A 81 4.90 16.82 -27.00
CA GLN A 81 4.69 15.52 -27.63
C GLN A 81 3.93 15.67 -28.95
N PHE A 82 4.59 15.36 -30.06
CA PHE A 82 3.98 15.53 -31.38
C PHE A 82 4.18 14.32 -32.31
N VAL A 83 3.29 14.18 -33.29
CA VAL A 83 3.41 13.08 -34.24
C VAL A 83 3.61 13.64 -35.66
N VAL A 84 4.73 13.28 -36.29
CA VAL A 84 5.01 13.70 -37.66
C VAL A 84 4.24 12.68 -38.49
N TYR A 85 3.25 13.15 -39.24
CA TYR A 85 2.38 12.27 -40.01
C TYR A 85 1.83 12.92 -41.28
N ASP A 86 2.68 13.12 -42.29
CA ASP A 86 2.22 13.74 -43.52
C ASP A 86 2.98 13.29 -44.76
N LEU A 87 3.38 12.02 -44.79
CA LEU A 87 4.11 11.48 -45.93
C LEU A 87 3.25 11.51 -47.20
N PRO A 88 3.88 11.65 -48.38
CA PRO A 88 3.10 11.67 -49.62
C PRO A 88 2.56 10.26 -49.86
N ASP A 89 1.36 10.15 -50.41
CA ASP A 89 0.75 8.83 -50.62
C ASP A 89 0.71 8.12 -49.27
N ARG A 90 0.34 8.86 -48.24
CA ARG A 90 0.26 8.36 -46.88
C ARG A 90 -0.74 7.21 -46.76
N ASP A 91 -0.45 6.26 -45.87
CA ASP A 91 -1.33 5.12 -45.65
C ASP A 91 -1.60 4.42 -46.98
N CYS A 92 -0.53 3.96 -47.62
CA CYS A 92 -0.60 3.29 -48.92
C CYS A 92 -1.51 2.07 -48.99
N ALA A 93 -1.59 1.32 -47.89
CA ALA A 93 -2.41 0.11 -47.86
C ALA A 93 -3.86 0.37 -47.47
N ALA A 94 -4.14 1.57 -46.98
CA ALA A 94 -5.49 1.92 -46.57
C ALA A 94 -6.41 2.09 -47.78
N LEU A 95 -7.63 1.58 -47.66
CA LEU A 95 -8.62 1.66 -48.73
C LEU A 95 -9.09 3.10 -48.94
N ALA A 96 -8.39 4.04 -48.33
CA ALA A 96 -8.72 5.46 -48.44
C ALA A 96 -7.76 6.30 -47.61
N SER A 97 -6.82 6.95 -48.28
CA SER A 97 -5.84 7.80 -47.61
C SER A 97 -6.24 9.26 -47.56
N ASN A 98 -6.19 9.84 -46.36
CA ASN A 98 -6.55 11.23 -46.18
C ASN A 98 -5.36 12.17 -46.35
N GLY A 99 -4.20 11.60 -46.67
CA GLY A 99 -3.04 12.45 -46.84
C GLY A 99 -3.25 13.55 -47.85
N GLU A 100 -2.76 14.73 -47.53
CA GLU A 100 -2.89 15.88 -48.40
C GLU A 100 -1.86 15.93 -49.54
N TYR A 101 -0.75 15.22 -49.38
CA TYR A 101 0.30 15.18 -50.41
C TYR A 101 0.35 13.87 -51.17
N SER A 102 0.76 13.92 -52.42
CA SER A 102 0.86 12.72 -53.24
C SER A 102 2.20 12.72 -53.97
N ILE A 103 2.79 11.53 -54.10
CA ILE A 103 4.07 11.38 -54.77
C ILE A 103 4.06 11.94 -56.19
N ALA A 104 3.03 11.56 -56.95
CA ALA A 104 2.88 12.02 -58.34
C ALA A 104 2.88 13.53 -58.50
N ASP A 105 2.39 14.24 -57.50
CA ASP A 105 2.32 15.70 -57.57
C ASP A 105 3.34 16.37 -56.65
N GLY A 106 4.61 16.12 -56.93
CA GLY A 106 5.69 16.71 -56.13
C GLY A 106 5.54 16.46 -54.64
N GLY A 107 5.06 15.28 -54.27
CA GLY A 107 4.85 14.96 -52.87
C GLY A 107 6.09 14.97 -52.01
N VAL A 108 7.18 14.37 -52.51
CA VAL A 108 8.42 14.31 -51.77
C VAL A 108 8.92 15.73 -51.43
N ALA A 109 8.88 16.62 -52.42
CA ALA A 109 9.32 17.99 -52.24
C ALA A 109 8.44 18.72 -51.22
N LYS A 110 7.14 18.45 -51.27
CA LYS A 110 6.23 19.09 -50.32
C LYS A 110 6.47 18.53 -48.93
N TYR A 111 6.87 17.27 -48.84
CA TYR A 111 7.13 16.68 -47.52
C TYR A 111 8.32 17.37 -46.87
N LYS A 112 9.38 17.55 -47.63
CA LYS A 112 10.59 18.20 -47.12
C LYS A 112 10.28 19.61 -46.67
N ASN A 113 9.36 20.28 -47.36
CA ASN A 113 8.95 21.64 -47.01
C ASN A 113 8.26 21.60 -45.65
N TYR A 114 7.43 20.59 -45.46
CA TYR A 114 6.69 20.37 -44.21
C TYR A 114 7.68 20.16 -43.06
N ILE A 115 8.70 19.34 -43.30
CA ILE A 115 9.72 19.07 -42.29
C ILE A 115 10.52 20.33 -41.97
N ASP A 116 10.81 21.13 -42.99
CA ASP A 116 11.57 22.36 -42.76
C ASP A 116 10.83 23.28 -41.80
N THR A 117 9.50 23.35 -41.91
CA THR A 117 8.73 24.20 -41.01
C THR A 117 8.89 23.71 -39.58
N ILE A 118 8.81 22.39 -39.41
CA ILE A 118 8.95 21.77 -38.11
C ILE A 118 10.33 21.96 -37.50
N ARG A 119 11.39 21.84 -38.31
CA ARG A 119 12.74 22.01 -37.77
C ARG A 119 12.95 23.42 -37.23
N GLN A 120 12.43 24.41 -37.94
CA GLN A 120 12.57 25.79 -37.51
C GLN A 120 11.86 26.04 -36.19
N ILE A 121 10.75 25.35 -35.96
CA ILE A 121 10.01 25.50 -34.72
C ILE A 121 10.83 24.87 -33.59
N VAL A 122 11.35 23.67 -33.84
CA VAL A 122 12.14 22.96 -32.86
C VAL A 122 13.44 23.71 -32.54
N VAL A 123 14.03 24.34 -33.56
CA VAL A 123 15.25 25.10 -33.36
C VAL A 123 14.92 26.33 -32.51
N GLU A 124 13.81 26.98 -32.84
CA GLU A 124 13.34 28.15 -32.11
C GLU A 124 13.05 27.78 -30.65
N TYR A 125 12.53 26.58 -30.43
CA TYR A 125 12.20 26.11 -29.09
C TYR A 125 13.12 25.00 -28.60
N SER A 126 14.43 25.21 -28.75
CA SER A 126 15.41 24.22 -28.34
C SER A 126 15.45 24.08 -26.82
N ASP A 127 14.83 25.02 -26.12
CA ASP A 127 14.80 25.00 -24.66
C ASP A 127 13.75 24.02 -24.14
N ILE A 128 12.95 23.48 -25.05
CA ILE A 128 11.90 22.52 -24.68
C ILE A 128 12.19 21.14 -25.23
N ARG A 129 12.20 20.14 -24.36
CA ARG A 129 12.43 18.76 -24.78
C ARG A 129 11.23 18.35 -25.63
N THR A 130 11.49 17.89 -26.84
CA THR A 130 10.43 17.50 -27.74
C THR A 130 10.50 16.03 -28.12
N LEU A 131 9.45 15.29 -27.78
CA LEU A 131 9.33 13.86 -28.05
C LEU A 131 8.45 13.66 -29.27
N LEU A 132 8.96 12.97 -30.28
CA LEU A 132 8.23 12.78 -31.52
C LEU A 132 8.06 11.34 -31.99
N VAL A 133 6.88 11.04 -32.55
CA VAL A 133 6.64 9.72 -33.13
C VAL A 133 6.73 10.00 -34.63
N ILE A 134 7.57 9.25 -35.32
CA ILE A 134 7.76 9.47 -36.75
C ILE A 134 6.95 8.58 -37.69
N GLU A 135 6.06 9.21 -38.43
CA GLU A 135 5.21 8.58 -39.43
C GLU A 135 4.56 7.22 -39.17
N PRO A 136 3.47 7.20 -38.39
CA PRO A 136 2.78 5.94 -38.10
C PRO A 136 2.23 5.37 -39.41
N ASP A 137 2.02 4.06 -39.45
CA ASP A 137 1.46 3.40 -40.62
C ASP A 137 2.19 3.74 -41.92
N SER A 138 3.52 3.61 -41.91
CA SER A 138 4.31 3.86 -43.11
C SER A 138 5.28 2.70 -43.35
N LEU A 139 6.40 2.69 -42.64
CA LEU A 139 7.38 1.61 -42.81
C LEU A 139 6.79 0.22 -42.61
N ALA A 140 5.79 0.08 -41.74
CA ALA A 140 5.19 -1.23 -41.50
C ALA A 140 4.56 -1.83 -42.75
N ASN A 141 4.03 -0.97 -43.62
CA ASN A 141 3.40 -1.41 -44.86
C ASN A 141 4.44 -1.97 -45.82
N LEU A 142 5.63 -1.38 -45.79
CA LEU A 142 6.72 -1.80 -46.66
C LEU A 142 7.19 -3.21 -46.31
N VAL A 143 6.83 -3.68 -45.12
CA VAL A 143 7.24 -5.01 -44.71
C VAL A 143 6.26 -6.10 -45.17
N THR A 144 4.97 -5.82 -45.09
CA THR A 144 3.96 -6.82 -45.44
C THR A 144 3.04 -6.48 -46.60
N ASN A 145 2.99 -5.22 -47.00
CA ASN A 145 2.08 -4.84 -48.07
C ASN A 145 2.69 -4.38 -49.39
N LEU A 146 3.83 -4.94 -49.75
CA LEU A 146 4.46 -4.57 -51.01
C LEU A 146 3.68 -5.19 -52.16
N GLY A 147 2.70 -6.02 -51.80
CA GLY A 147 1.86 -6.65 -52.80
C GLY A 147 0.86 -5.63 -53.29
N THR A 148 0.64 -4.60 -52.48
CA THR A 148 -0.27 -3.53 -52.84
C THR A 148 0.51 -2.51 -53.68
N PRO A 149 0.08 -2.28 -54.92
CA PRO A 149 0.71 -1.35 -55.85
C PRO A 149 1.13 -0.02 -55.23
N LYS A 150 0.17 0.66 -54.61
CA LYS A 150 0.45 1.95 -54.00
C LYS A 150 1.61 1.89 -53.01
N CYS A 151 1.69 0.82 -52.21
CA CYS A 151 2.77 0.68 -51.24
C CYS A 151 4.09 0.39 -51.94
N ALA A 152 4.07 -0.53 -52.90
CA ALA A 152 5.26 -0.89 -53.65
C ALA A 152 5.82 0.35 -54.36
N ASN A 153 4.92 1.17 -54.88
CA ASN A 153 5.32 2.38 -55.60
C ASN A 153 5.67 3.56 -54.69
N ALA A 154 5.41 3.42 -53.40
CA ALA A 154 5.71 4.50 -52.46
C ALA A 154 6.98 4.25 -51.66
N GLN A 155 7.57 3.07 -51.83
CA GLN A 155 8.79 2.69 -51.13
C GLN A 155 9.90 3.74 -51.07
N SER A 156 10.48 4.05 -52.22
CA SER A 156 11.57 5.02 -52.28
C SER A 156 11.21 6.35 -51.66
N ALA A 157 9.99 6.83 -51.93
CA ALA A 157 9.52 8.09 -51.40
C ALA A 157 9.43 8.04 -49.88
N TYR A 158 8.89 6.95 -49.35
CA TYR A 158 8.76 6.76 -47.91
C TYR A 158 10.13 6.82 -47.23
N LEU A 159 11.08 6.09 -47.80
CA LEU A 159 12.42 6.01 -47.25
C LEU A 159 13.21 7.31 -47.35
N GLU A 160 13.05 8.01 -48.46
CA GLU A 160 13.73 9.28 -48.67
C GLU A 160 13.18 10.34 -47.71
N CYS A 161 11.85 10.38 -47.60
CA CYS A 161 11.17 11.33 -46.72
C CYS A 161 11.48 11.06 -45.26
N ILE A 162 11.41 9.80 -44.86
CA ILE A 162 11.69 9.41 -43.48
C ILE A 162 13.13 9.79 -43.15
N ASN A 163 14.02 9.58 -44.11
CA ASN A 163 15.43 9.90 -43.92
C ASN A 163 15.63 11.40 -43.69
N TYR A 164 14.95 12.20 -44.49
CA TYR A 164 15.06 13.65 -44.37
C TYR A 164 14.57 14.08 -42.99
N ALA A 165 13.47 13.48 -42.55
CA ALA A 165 12.88 13.81 -41.25
C ALA A 165 13.78 13.51 -40.05
N VAL A 166 14.31 12.29 -39.99
CA VAL A 166 15.17 11.89 -38.87
C VAL A 166 16.50 12.64 -38.84
N THR A 167 17.01 13.01 -40.00
CA THR A 167 18.28 13.72 -40.04
C THR A 167 18.06 15.20 -39.75
N GLN A 168 17.00 15.77 -40.31
CA GLN A 168 16.72 17.19 -40.10
C GLN A 168 16.21 17.49 -38.67
N LEU A 169 15.59 16.51 -38.04
CA LEU A 169 15.07 16.72 -36.68
C LEU A 169 15.99 16.13 -35.61
N ASN A 170 17.20 15.78 -36.02
CA ASN A 170 18.19 15.21 -35.11
C ASN A 170 18.85 16.32 -34.30
N LEU A 171 18.15 16.81 -33.28
CA LEU A 171 18.63 17.89 -32.42
C LEU A 171 18.68 17.44 -30.95
N PRO A 172 19.56 18.06 -30.14
CA PRO A 172 19.80 17.80 -28.72
C PRO A 172 18.58 17.75 -27.80
N ASN A 173 17.57 18.54 -28.11
CA ASN A 173 16.36 18.56 -27.30
C ASN A 173 15.30 17.61 -27.83
N VAL A 174 15.66 16.85 -28.87
CA VAL A 174 14.71 15.91 -29.49
C VAL A 174 14.96 14.44 -29.22
N ALA A 175 13.86 13.68 -29.20
CA ALA A 175 13.89 12.24 -29.03
C ALA A 175 12.85 11.75 -30.01
N MET A 176 13.27 11.00 -31.01
CA MET A 176 12.35 10.46 -32.00
C MET A 176 12.20 8.97 -31.86
N TYR A 177 10.99 8.49 -32.12
CA TYR A 177 10.70 7.08 -32.08
C TYR A 177 10.02 6.76 -33.39
N LEU A 178 10.62 5.85 -34.16
CA LEU A 178 10.09 5.46 -35.45
C LEU A 178 8.91 4.52 -35.26
N ASP A 179 7.80 4.78 -35.94
CA ASP A 179 6.65 3.90 -35.81
C ASP A 179 7.06 2.52 -36.29
N ALA A 180 6.63 1.49 -35.57
CA ALA A 180 6.97 0.11 -35.91
C ALA A 180 5.77 -0.83 -35.81
N GLY A 181 4.62 -0.34 -36.21
CA GLY A 181 3.43 -1.17 -36.15
C GLY A 181 3.15 -1.73 -34.77
N HIS A 182 2.69 -2.97 -34.71
CA HIS A 182 2.37 -3.58 -33.42
C HIS A 182 2.48 -5.09 -33.50
N ALA A 183 2.36 -5.75 -32.36
CA ALA A 183 2.45 -7.21 -32.27
C ALA A 183 1.68 -7.96 -33.35
N GLY A 184 0.45 -7.54 -33.62
CA GLY A 184 -0.37 -8.21 -34.61
C GLY A 184 0.04 -7.94 -36.05
N TRP A 185 0.92 -6.96 -36.23
CA TRP A 185 1.39 -6.61 -37.56
C TRP A 185 2.77 -7.18 -37.82
N LEU A 186 3.78 -6.61 -37.15
CA LEU A 186 5.15 -7.05 -37.32
C LEU A 186 5.63 -7.98 -36.22
N GLY A 187 4.73 -8.32 -35.30
CA GLY A 187 5.09 -9.20 -34.21
C GLY A 187 5.19 -10.65 -34.64
N TRP A 188 4.39 -11.04 -35.62
CA TRP A 188 4.42 -12.42 -36.11
C TRP A 188 5.87 -12.78 -36.40
N PRO A 189 6.31 -13.98 -35.96
CA PRO A 189 7.69 -14.44 -36.18
C PRO A 189 8.23 -14.21 -37.59
N ALA A 190 7.43 -14.55 -38.60
CA ALA A 190 7.86 -14.38 -39.98
C ALA A 190 8.17 -12.93 -40.38
N ASN A 191 7.54 -11.96 -39.72
CA ASN A 191 7.78 -10.56 -40.07
C ASN A 191 8.85 -9.90 -39.21
N GLN A 192 9.25 -10.55 -38.13
CA GLN A 192 10.23 -9.99 -37.21
C GLN A 192 11.57 -9.53 -37.80
N ASP A 193 12.30 -10.45 -38.43
CA ASP A 193 13.60 -10.10 -38.99
C ASP A 193 13.52 -9.07 -40.13
N PRO A 194 12.63 -9.29 -41.10
CA PRO A 194 12.51 -8.33 -42.21
C PRO A 194 12.23 -6.92 -41.68
N ALA A 195 11.34 -6.83 -40.69
CA ALA A 195 10.99 -5.54 -40.10
C ALA A 195 12.21 -4.95 -39.39
N ALA A 196 12.88 -5.76 -38.58
CA ALA A 196 14.05 -5.31 -37.84
C ALA A 196 15.16 -4.82 -38.77
N GLN A 197 15.25 -5.46 -39.93
CA GLN A 197 16.27 -5.11 -40.91
C GLN A 197 15.98 -3.75 -41.55
N LEU A 198 14.71 -3.47 -41.78
CA LEU A 198 14.31 -2.21 -42.39
C LEU A 198 14.57 -1.04 -41.44
N PHE A 199 14.12 -1.17 -40.20
CA PHE A 199 14.32 -0.11 -39.20
C PHE A 199 15.80 0.11 -38.95
N ALA A 200 16.57 -0.97 -38.90
CA ALA A 200 18.00 -0.85 -38.66
C ALA A 200 18.63 -0.11 -39.83
N ASN A 201 18.14 -0.35 -41.04
CA ASN A 201 18.68 0.32 -42.22
C ASN A 201 18.33 1.79 -42.25
N VAL A 202 17.17 2.15 -41.70
CA VAL A 202 16.77 3.55 -41.67
C VAL A 202 17.68 4.30 -40.69
N TYR A 203 17.99 3.65 -39.58
CA TYR A 203 18.85 4.22 -38.55
C TYR A 203 20.26 4.47 -39.11
N LYS A 204 20.87 3.42 -39.65
CA LYS A 204 22.22 3.52 -40.19
C LYS A 204 22.30 4.45 -41.40
N ASN A 205 21.29 4.39 -42.27
CA ASN A 205 21.28 5.24 -43.46
C ASN A 205 21.22 6.72 -43.05
N ALA A 206 20.69 6.97 -41.86
CA ALA A 206 20.56 8.34 -41.35
C ALA A 206 21.75 8.70 -40.48
N SER A 207 22.84 7.96 -40.63
CA SER A 207 24.06 8.19 -39.87
C SER A 207 23.87 7.96 -38.37
N SER A 208 23.03 7.00 -38.02
CA SER A 208 22.78 6.66 -36.63
C SER A 208 22.50 7.92 -35.81
N PRO A 209 21.38 8.61 -36.11
CA PRO A 209 21.01 9.83 -35.40
C PRO A 209 20.90 9.65 -33.90
N ARG A 210 21.64 10.46 -33.15
CA ARG A 210 21.62 10.38 -31.70
C ARG A 210 20.20 10.63 -31.15
N ALA A 211 19.44 11.48 -31.82
CA ALA A 211 18.07 11.79 -31.38
C ALA A 211 17.08 10.64 -31.62
N LEU A 212 17.45 9.70 -32.49
CA LEU A 212 16.57 8.58 -32.78
C LEU A 212 16.76 7.53 -31.68
N ARG A 213 15.97 7.65 -30.63
CA ARG A 213 16.03 6.77 -29.48
C ARG A 213 15.56 5.32 -29.70
N GLY A 214 14.57 5.15 -30.57
CA GLY A 214 14.06 3.81 -30.79
C GLY A 214 12.81 3.71 -31.65
N LEU A 215 11.85 2.90 -31.21
CA LEU A 215 10.62 2.68 -31.96
C LEU A 215 9.35 2.85 -31.14
N ALA A 216 8.26 3.18 -31.82
CA ALA A 216 6.97 3.35 -31.19
C ALA A 216 6.07 2.22 -31.71
N THR A 217 5.35 1.57 -30.80
CA THR A 217 4.47 0.47 -31.18
C THR A 217 3.06 0.69 -30.69
N ASN A 218 2.12 -0.01 -31.33
CA ASN A 218 0.70 0.04 -31.02
C ASN A 218 0.07 1.42 -31.22
N VAL A 219 0.69 2.26 -32.02
CA VAL A 219 0.16 3.60 -32.26
C VAL A 219 -1.20 3.50 -32.94
N ALA A 220 -2.20 4.08 -32.28
CA ALA A 220 -3.58 4.07 -32.78
C ALA A 220 -4.17 2.66 -32.76
N ASN A 221 -3.51 1.73 -32.08
CA ASN A 221 -4.08 0.40 -32.03
C ASN A 221 -4.57 0.06 -30.62
N TYR A 222 -4.89 -1.20 -30.39
CA TYR A 222 -5.46 -1.60 -29.10
C TYR A 222 -4.83 -2.77 -28.36
N ASN A 223 -3.68 -3.25 -28.80
CA ASN A 223 -3.07 -4.38 -28.12
C ASN A 223 -2.73 -4.11 -26.66
N GLY A 224 -2.73 -5.17 -25.86
CA GLY A 224 -2.40 -4.98 -24.46
C GLY A 224 -0.88 -4.92 -24.37
N TRP A 225 -0.39 -4.24 -23.35
CA TRP A 225 1.04 -4.14 -23.14
C TRP A 225 1.59 -5.46 -22.61
N ASN A 226 0.97 -6.00 -21.57
CA ASN A 226 1.45 -7.23 -20.96
C ASN A 226 0.40 -8.26 -20.58
N ILE A 227 -0.73 -8.31 -21.28
CA ILE A 227 -1.79 -9.27 -20.94
C ILE A 227 -1.24 -10.69 -20.87
N THR A 228 -1.69 -11.43 -19.86
CA THR A 228 -1.22 -12.79 -19.60
C THR A 228 -1.92 -13.94 -20.32
N SER A 229 -2.97 -13.64 -21.06
CA SER A 229 -3.70 -14.68 -21.77
C SER A 229 -3.94 -14.25 -23.21
N PRO A 230 -3.65 -15.14 -24.17
CA PRO A 230 -3.83 -14.80 -25.59
C PRO A 230 -5.29 -14.69 -26.05
N PRO A 231 -5.71 -13.49 -26.47
CA PRO A 231 -7.09 -13.35 -26.93
C PRO A 231 -7.32 -14.23 -28.17
N SER A 232 -8.57 -14.60 -28.40
CA SER A 232 -8.94 -15.46 -29.53
C SER A 232 -8.43 -14.95 -30.88
N TYR A 233 -8.52 -13.65 -31.11
CA TYR A 233 -8.10 -13.10 -32.38
C TYR A 233 -6.59 -13.13 -32.65
N THR A 234 -5.78 -13.47 -31.66
CA THR A 234 -4.34 -13.54 -31.85
C THR A 234 -3.89 -14.97 -32.12
N GLN A 235 -4.86 -15.86 -32.30
CA GLN A 235 -4.58 -17.27 -32.57
C GLN A 235 -3.47 -17.48 -33.60
N GLY A 236 -2.46 -18.26 -33.22
CA GLY A 236 -1.35 -18.55 -34.11
C GLY A 236 -0.11 -17.69 -33.88
N ASN A 237 -0.26 -16.54 -33.25
CA ASN A 237 0.87 -15.65 -33.02
C ASN A 237 1.32 -15.70 -31.55
N ALA A 238 2.52 -16.25 -31.33
CA ALA A 238 3.07 -16.36 -29.98
C ALA A 238 3.29 -14.98 -29.37
N VAL A 239 3.48 -13.98 -30.23
CA VAL A 239 3.68 -12.61 -29.78
C VAL A 239 2.31 -11.92 -29.80
N TYR A 240 1.59 -12.02 -28.69
CA TYR A 240 0.24 -11.46 -28.60
C TYR A 240 0.05 -10.18 -27.78
N ASN A 241 1.14 -9.62 -27.26
CA ASN A 241 1.06 -8.35 -26.54
C ASN A 241 2.28 -7.54 -26.94
N GLU A 242 2.29 -6.25 -26.63
CA GLU A 242 3.40 -5.40 -27.01
C GLU A 242 4.73 -5.67 -26.29
N LYS A 243 4.67 -6.21 -25.08
CA LYS A 243 5.89 -6.51 -24.34
C LYS A 243 6.66 -7.61 -25.07
N LEU A 244 5.95 -8.63 -25.52
CA LEU A 244 6.56 -9.74 -26.24
C LEU A 244 7.12 -9.25 -27.57
N TYR A 245 6.41 -8.33 -28.20
CA TYR A 245 6.85 -7.78 -29.47
C TYR A 245 8.17 -7.00 -29.36
N ILE A 246 8.25 -6.06 -28.42
CA ILE A 246 9.49 -5.29 -28.32
C ILE A 246 10.66 -6.14 -27.86
N HIS A 247 10.40 -7.16 -27.06
CA HIS A 247 11.47 -8.03 -26.61
C HIS A 247 11.96 -8.99 -27.68
N ALA A 248 11.14 -9.21 -28.71
CA ALA A 248 11.52 -10.09 -29.80
C ALA A 248 12.28 -9.32 -30.89
N ILE A 249 11.80 -8.13 -31.23
CA ILE A 249 12.44 -7.36 -32.27
C ILE A 249 13.65 -6.56 -31.77
N GLY A 250 13.68 -6.27 -30.48
CA GLY A 250 14.79 -5.51 -29.91
C GLY A 250 16.14 -6.14 -30.21
N PRO A 251 16.37 -7.39 -29.80
CA PRO A 251 17.68 -8.00 -30.07
C PRO A 251 17.99 -8.06 -31.56
N LEU A 252 16.97 -8.24 -32.40
CA LEU A 252 17.16 -8.30 -33.85
C LEU A 252 17.61 -6.97 -34.41
N LEU A 253 17.21 -5.88 -33.76
CA LEU A 253 17.63 -4.55 -34.21
C LEU A 253 19.14 -4.50 -34.01
N ALA A 254 19.58 -4.98 -32.84
CA ALA A 254 21.00 -4.99 -32.49
C ALA A 254 21.79 -5.86 -33.45
N ASN A 255 21.21 -7.00 -33.85
CA ASN A 255 21.88 -7.91 -34.78
C ASN A 255 22.11 -7.24 -36.13
N HIS A 256 21.25 -6.27 -36.46
CA HIS A 256 21.35 -5.58 -37.73
C HIS A 256 22.02 -4.21 -37.69
N GLY A 257 22.74 -3.92 -36.61
CA GLY A 257 23.43 -2.66 -36.52
C GLY A 257 22.85 -1.53 -35.68
N TRP A 258 21.66 -1.73 -35.11
CA TRP A 258 21.05 -0.70 -34.28
C TRP A 258 20.95 -1.17 -32.83
N SER A 259 21.98 -0.92 -32.04
CA SER A 259 21.95 -1.32 -30.65
C SER A 259 21.44 -0.11 -29.87
N ASN A 260 21.11 -0.34 -28.60
CA ASN A 260 20.61 0.73 -27.74
C ASN A 260 19.32 1.37 -28.24
N ALA A 261 18.47 0.57 -28.89
CA ALA A 261 17.19 1.06 -29.37
C ALA A 261 16.17 0.81 -28.26
N PHE A 262 15.38 1.82 -27.92
CA PHE A 262 14.37 1.64 -26.89
C PHE A 262 12.98 1.86 -27.48
N PHE A 263 11.95 1.63 -26.67
CA PHE A 263 10.59 1.76 -27.17
C PHE A 263 9.60 2.53 -26.31
N ILE A 264 8.49 2.91 -26.93
CA ILE A 264 7.37 3.56 -26.27
C ILE A 264 6.16 2.84 -26.87
N THR A 265 5.17 2.56 -26.05
CA THR A 265 3.99 1.86 -26.53
C THR A 265 2.69 2.57 -26.19
N ASP A 266 1.86 2.76 -27.20
CA ASP A 266 0.57 3.41 -27.03
C ASP A 266 -0.35 2.48 -26.24
N GLN A 267 -1.04 3.01 -25.23
CA GLN A 267 -1.98 2.23 -24.44
C GLN A 267 -3.25 3.05 -24.24
N GLY A 268 -3.37 4.13 -25.01
CA GLY A 268 -4.53 5.01 -24.91
C GLY A 268 -5.87 4.34 -25.17
N ARG A 269 -5.87 3.18 -25.80
CA ARG A 269 -7.12 2.46 -26.07
C ARG A 269 -6.96 0.97 -25.83
N SER A 270 -6.05 0.62 -24.91
CA SER A 270 -5.74 -0.75 -24.56
C SER A 270 -6.25 -1.22 -23.19
N GLY A 271 -7.00 -0.37 -22.51
CA GLY A 271 -7.52 -0.67 -21.19
C GLY A 271 -8.39 -1.90 -20.99
N LYS A 272 -9.15 -2.29 -22.01
CA LYS A 272 -10.00 -3.47 -21.89
C LYS A 272 -9.49 -4.60 -22.78
N GLN A 273 -9.19 -5.74 -22.17
CA GLN A 273 -8.67 -6.89 -22.90
C GLN A 273 -9.42 -8.15 -22.46
N PRO A 274 -9.87 -8.97 -23.42
CA PRO A 274 -9.73 -8.81 -24.87
C PRO A 274 -10.61 -7.66 -25.36
N THR A 275 -10.28 -7.12 -26.53
CA THR A 275 -11.08 -6.04 -27.11
C THR A 275 -12.27 -6.71 -27.79
N GLY A 276 -13.07 -5.93 -28.52
CA GLY A 276 -14.20 -6.50 -29.21
C GLY A 276 -13.85 -6.85 -30.65
N GLN A 277 -12.56 -6.92 -30.96
CA GLN A 277 -12.13 -7.26 -32.32
C GLN A 277 -12.54 -8.68 -32.69
N GLN A 278 -13.15 -8.84 -33.84
CA GLN A 278 -13.56 -10.17 -34.29
C GLN A 278 -12.42 -10.74 -35.13
N GLN A 279 -11.60 -9.84 -35.66
CA GLN A 279 -10.42 -10.18 -36.44
C GLN A 279 -9.34 -9.20 -35.96
N TRP A 280 -8.12 -9.71 -35.74
CA TRP A 280 -7.03 -8.87 -35.26
C TRP A 280 -6.78 -7.68 -36.20
N GLY A 281 -6.98 -7.90 -37.50
CA GLY A 281 -6.76 -6.86 -38.48
C GLY A 281 -7.78 -5.73 -38.49
N ASP A 282 -8.85 -5.87 -37.71
CA ASP A 282 -9.87 -4.83 -37.65
C ASP A 282 -9.37 -3.71 -36.75
N TRP A 283 -9.07 -2.57 -37.37
CA TRP A 283 -8.50 -1.42 -36.66
C TRP A 283 -9.39 -0.19 -36.49
N CYS A 284 -10.51 -0.11 -37.23
CA CYS A 284 -11.35 1.07 -37.15
C CYS A 284 -12.36 1.14 -36.01
N ASN A 285 -12.25 2.19 -35.19
CA ASN A 285 -13.13 2.43 -34.05
C ASN A 285 -13.63 1.16 -33.37
N VAL A 286 -12.70 0.31 -32.96
CA VAL A 286 -13.02 -0.97 -32.34
C VAL A 286 -13.91 -0.88 -31.09
N ILE A 287 -14.98 -1.67 -31.08
CA ILE A 287 -15.89 -1.69 -29.95
C ILE A 287 -15.23 -2.47 -28.80
N GLY A 288 -15.77 -2.30 -27.60
CA GLY A 288 -15.24 -3.00 -26.43
C GLY A 288 -13.86 -2.58 -25.96
N THR A 289 -13.53 -1.29 -26.12
CA THR A 289 -12.23 -0.80 -25.70
C THR A 289 -12.36 0.28 -24.63
N GLY A 290 -11.25 0.55 -23.93
CA GLY A 290 -11.24 1.58 -22.91
C GLY A 290 -9.87 2.20 -22.78
N PHE A 291 -9.79 3.37 -22.14
CA PHE A 291 -8.50 4.04 -21.93
C PHE A 291 -7.64 3.04 -21.14
N GLY A 292 -6.35 3.00 -21.42
CA GLY A 292 -5.49 2.04 -20.72
C GLY A 292 -4.47 2.62 -19.77
N ILE A 293 -3.37 1.89 -19.59
CA ILE A 293 -2.30 2.31 -18.70
C ILE A 293 -1.94 3.77 -18.97
N ARG A 294 -1.84 4.56 -17.90
CA ARG A 294 -1.53 5.98 -18.02
C ARG A 294 -0.06 6.20 -18.38
N PRO A 295 0.23 7.28 -19.12
CA PRO A 295 1.60 7.60 -19.54
C PRO A 295 2.50 7.66 -18.31
N SER A 296 3.65 6.99 -18.39
CA SER A 296 4.62 6.93 -17.29
C SER A 296 5.88 6.21 -17.73
N ALA A 297 7.02 6.62 -17.18
CA ALA A 297 8.29 5.99 -17.52
C ALA A 297 8.60 4.82 -16.58
N ASN A 298 7.83 4.72 -15.50
CA ASN A 298 8.00 3.63 -14.54
C ASN A 298 7.34 2.40 -15.12
N THR A 299 8.00 1.81 -16.11
CA THR A 299 7.49 0.65 -16.83
C THR A 299 7.92 -0.70 -16.28
N GLY A 300 8.93 -0.70 -15.42
CA GLY A 300 9.39 -1.96 -14.85
C GLY A 300 9.92 -2.89 -15.93
N ASP A 301 10.29 -2.32 -17.07
CA ASP A 301 10.83 -3.10 -18.17
C ASP A 301 11.92 -2.31 -18.87
N SER A 302 13.09 -2.92 -18.97
CA SER A 302 14.27 -2.30 -19.59
C SER A 302 14.07 -1.67 -20.97
N LEU A 303 13.41 -2.39 -21.86
CA LEU A 303 13.21 -1.89 -23.21
C LEU A 303 12.17 -0.81 -23.42
N LEU A 304 11.23 -0.69 -22.49
CA LEU A 304 10.18 0.32 -22.64
C LEU A 304 10.48 1.63 -21.91
N ASP A 305 10.81 2.66 -22.69
CA ASP A 305 11.10 3.98 -22.11
C ASP A 305 9.86 4.51 -21.43
N SER A 306 8.70 4.26 -22.01
CA SER A 306 7.48 4.78 -21.42
C SER A 306 6.17 4.32 -22.04
N PHE A 307 5.12 4.32 -21.22
CA PHE A 307 3.78 4.00 -21.67
C PHE A 307 3.37 5.38 -22.18
N VAL A 308 2.67 5.44 -23.31
CA VAL A 308 2.24 6.72 -23.85
C VAL A 308 0.84 6.61 -24.44
N TRP A 309 0.23 7.76 -24.69
CA TRP A 309 -1.08 7.83 -25.30
C TRP A 309 -0.83 8.62 -26.58
N VAL A 310 -0.57 7.93 -27.68
CA VAL A 310 -0.29 8.62 -28.94
C VAL A 310 -1.57 8.99 -29.68
N LYS A 311 -2.41 8.00 -29.98
CA LYS A 311 -3.69 8.25 -30.65
C LYS A 311 -4.61 8.78 -29.55
N PRO A 312 -5.16 10.00 -29.70
CA PRO A 312 -6.05 10.56 -28.68
C PRO A 312 -7.44 9.94 -28.65
N GLY A 313 -7.75 9.22 -27.57
CA GLY A 313 -9.04 8.58 -27.43
C GLY A 313 -10.18 9.56 -27.59
N GLY A 314 -11.11 9.24 -28.49
CA GLY A 314 -12.23 10.13 -28.75
C GLY A 314 -12.16 10.64 -30.18
N GLU A 315 -10.95 10.77 -30.72
CA GLU A 315 -10.79 11.21 -32.09
C GLU A 315 -10.98 9.98 -32.98
N CYS A 316 -11.89 10.11 -33.94
CA CYS A 316 -12.23 9.00 -34.83
C CYS A 316 -11.13 8.44 -35.71
N ASP A 317 -11.24 7.15 -36.05
CA ASP A 317 -10.28 6.48 -36.90
C ASP A 317 -10.73 6.58 -38.36
N GLY A 318 -12.04 6.72 -38.56
CA GLY A 318 -12.56 6.80 -39.91
C GLY A 318 -14.08 6.79 -39.92
N THR A 319 -14.65 7.34 -40.98
CA THR A 319 -16.10 7.43 -41.07
C THR A 319 -16.75 6.12 -41.52
N SER A 320 -17.96 5.89 -41.02
CA SER A 320 -18.71 4.70 -41.39
C SER A 320 -19.70 5.04 -42.49
N ASP A 321 -19.67 6.29 -42.94
CA ASP A 321 -20.57 6.78 -43.99
C ASP A 321 -20.01 6.31 -45.33
N SER A 322 -20.69 5.34 -45.95
CA SER A 322 -20.26 4.75 -47.21
C SER A 322 -20.24 5.69 -48.41
N SER A 323 -20.91 6.84 -48.28
CA SER A 323 -20.97 7.80 -49.37
C SER A 323 -19.87 8.85 -49.23
N ALA A 324 -19.32 8.95 -48.03
CA ALA A 324 -18.28 9.93 -47.75
C ALA A 324 -16.95 9.63 -48.40
N PRO A 325 -16.19 10.67 -48.74
CA PRO A 325 -14.88 10.50 -49.37
C PRO A 325 -13.98 9.83 -48.32
N ARG A 326 -13.02 9.04 -48.77
CA ARG A 326 -12.09 8.39 -47.86
C ARG A 326 -12.75 7.29 -47.03
N PHE A 327 -13.94 6.85 -47.43
CA PHE A 327 -14.64 5.79 -46.70
C PHE A 327 -13.85 4.51 -46.78
N ASP A 328 -13.62 3.88 -45.63
CA ASP A 328 -12.89 2.62 -45.55
C ASP A 328 -13.86 1.59 -44.99
N SER A 329 -14.07 0.52 -45.73
CA SER A 329 -15.01 -0.52 -45.29
C SER A 329 -14.72 -1.09 -43.91
N HIS A 330 -13.47 -1.00 -43.46
CA HIS A 330 -13.14 -1.52 -42.12
C HIS A 330 -13.94 -0.80 -41.06
N CYS A 331 -14.35 0.43 -41.36
CA CYS A 331 -15.11 1.24 -40.43
C CYS A 331 -16.61 0.95 -40.43
N ALA A 332 -17.03 -0.04 -41.20
CA ALA A 332 -18.43 -0.42 -41.28
C ALA A 332 -18.62 -1.85 -40.80
N LEU A 333 -17.54 -2.48 -40.35
CA LEU A 333 -17.61 -3.86 -39.86
C LEU A 333 -18.41 -3.95 -38.56
N PRO A 334 -18.95 -5.14 -38.27
CA PRO A 334 -19.73 -5.34 -37.04
C PRO A 334 -18.98 -5.10 -35.73
N ASP A 335 -17.65 -5.05 -35.78
CA ASP A 335 -16.88 -4.79 -34.57
C ASP A 335 -16.38 -3.35 -34.50
N ALA A 336 -16.93 -2.50 -35.38
CA ALA A 336 -16.56 -1.08 -35.40
C ALA A 336 -17.78 -0.29 -34.89
N LEU A 337 -17.55 0.69 -34.02
CA LEU A 337 -18.64 1.48 -33.48
C LEU A 337 -19.15 2.45 -34.54
N GLN A 338 -20.46 2.47 -34.74
CA GLN A 338 -21.09 3.34 -35.74
C GLN A 338 -22.36 3.96 -35.15
N PRO A 339 -22.80 5.11 -35.69
CA PRO A 339 -22.18 5.83 -36.81
C PRO A 339 -20.94 6.60 -36.37
N ALA A 340 -19.91 6.61 -37.22
CA ALA A 340 -18.67 7.31 -36.92
C ALA A 340 -18.38 8.43 -37.92
N PRO A 341 -17.81 9.55 -37.44
CA PRO A 341 -17.46 10.72 -38.25
C PRO A 341 -16.15 10.58 -39.02
N GLN A 342 -15.75 11.62 -39.74
CA GLN A 342 -14.50 11.56 -40.49
C GLN A 342 -13.33 11.27 -39.56
N ALA A 343 -12.28 10.67 -40.11
CA ALA A 343 -11.09 10.34 -39.34
C ALA A 343 -10.56 11.60 -38.67
N GLY A 344 -10.17 11.49 -37.40
CA GLY A 344 -9.65 12.64 -36.68
C GLY A 344 -10.70 13.52 -36.03
N ALA A 345 -11.94 13.44 -36.51
CA ALA A 345 -13.04 14.23 -35.95
C ALA A 345 -13.49 13.64 -34.62
N TRP A 346 -14.11 14.45 -33.77
CA TRP A 346 -14.57 13.95 -32.48
C TRP A 346 -15.70 12.95 -32.61
N PHE A 347 -15.55 11.83 -31.91
CA PHE A 347 -16.50 10.72 -31.93
C PHE A 347 -16.98 10.49 -30.49
N GLN A 348 -17.97 11.29 -30.07
CA GLN A 348 -18.53 11.25 -28.71
C GLN A 348 -18.84 9.89 -28.11
N ALA A 349 -19.61 9.07 -28.80
CA ALA A 349 -19.95 7.75 -28.26
C ALA A 349 -18.71 6.90 -28.03
N TYR A 350 -17.66 7.12 -28.82
CA TYR A 350 -16.45 6.34 -28.64
C TYR A 350 -15.71 6.82 -27.39
N PHE A 351 -15.68 8.13 -27.19
CA PHE A 351 -15.04 8.70 -26.02
C PHE A 351 -15.73 8.12 -24.78
N VAL A 352 -17.06 8.10 -24.83
CA VAL A 352 -17.86 7.57 -23.72
C VAL A 352 -17.54 6.08 -23.50
N GLN A 353 -17.38 5.34 -24.58
CA GLN A 353 -17.05 3.92 -24.49
C GLN A 353 -15.70 3.78 -23.78
N LEU A 354 -14.72 4.56 -24.23
CA LEU A 354 -13.38 4.52 -23.64
C LEU A 354 -13.36 4.87 -22.16
N LEU A 355 -14.12 5.91 -21.81
CA LEU A 355 -14.22 6.37 -20.43
C LEU A 355 -14.90 5.32 -19.56
N THR A 356 -15.98 4.75 -20.08
CA THR A 356 -16.73 3.73 -19.38
C THR A 356 -15.90 2.48 -19.08
N ASN A 357 -15.12 2.04 -20.06
CA ASN A 357 -14.32 0.83 -19.90
C ASN A 357 -12.86 1.08 -19.51
N ALA A 358 -12.57 2.29 -19.04
CA ALA A 358 -11.21 2.64 -18.66
C ALA A 358 -10.61 1.82 -17.52
N ASN A 359 -9.33 1.51 -17.64
CA ASN A 359 -8.59 0.78 -16.61
C ASN A 359 -7.10 1.11 -16.73
N PRO A 360 -6.56 1.83 -15.73
CA PRO A 360 -7.22 2.34 -14.53
C PRO A 360 -8.45 3.18 -14.83
N SER A 361 -9.44 3.07 -13.96
CA SER A 361 -10.70 3.79 -14.12
C SER A 361 -10.58 5.27 -13.78
N PHE A 362 -11.45 6.07 -14.39
CA PHE A 362 -11.47 7.50 -14.13
C PHE A 362 -12.62 7.76 -13.15
N LEU A 363 -13.66 6.93 -13.25
CA LEU A 363 -14.82 7.05 -12.39
C LEU A 363 -14.44 6.52 -11.00
N THR B 1 14.56 8.52 45.33
CA THR B 1 15.40 8.40 44.10
C THR B 1 14.70 7.55 43.05
N ALA B 2 14.50 8.12 41.87
CA ALA B 2 13.82 7.42 40.78
C ALA B 2 14.60 6.25 40.20
N THR B 3 15.90 6.42 40.01
CA THR B 3 16.71 5.34 39.45
C THR B 3 16.80 4.19 40.45
N TYR B 4 17.18 3.02 39.98
CA TYR B 4 17.26 1.86 40.86
C TYR B 4 18.28 0.83 40.40
N SER B 5 18.52 -0.14 41.26
CA SER B 5 19.42 -1.25 40.98
C SER B 5 18.69 -2.46 41.56
N GLY B 6 18.54 -3.52 40.77
CA GLY B 6 17.85 -4.69 41.26
C GLY B 6 16.34 -4.58 41.09
N ASN B 7 15.61 -5.03 42.11
CA ASN B 7 14.14 -5.00 42.11
C ASN B 7 13.60 -3.58 42.09
N PRO B 8 12.90 -3.18 41.00
CA PRO B 8 12.35 -1.83 40.90
C PRO B 8 11.21 -1.49 41.87
N PHE B 9 10.64 -2.50 42.52
CA PHE B 9 9.56 -2.24 43.47
C PHE B 9 10.08 -1.95 44.87
N VAL B 10 11.38 -2.17 45.09
CA VAL B 10 11.95 -1.91 46.41
C VAL B 10 12.26 -0.43 46.55
N GLY B 11 11.92 0.13 47.70
CA GLY B 11 12.18 1.54 47.93
C GLY B 11 11.12 2.50 47.42
N VAL B 12 10.04 1.96 46.87
CA VAL B 12 8.95 2.78 46.36
C VAL B 12 7.60 2.19 46.74
N THR B 13 6.55 2.95 46.45
CA THR B 13 5.19 2.55 46.75
C THR B 13 4.33 2.79 45.51
N PRO B 14 3.79 1.71 44.93
CA PRO B 14 2.95 1.85 43.73
C PRO B 14 1.75 2.75 43.98
N TRP B 15 1.56 3.69 43.06
CA TRP B 15 0.49 4.65 43.13
C TRP B 15 -0.85 4.09 42.65
N ALA B 16 -1.89 4.27 43.46
CA ALA B 16 -3.22 3.83 43.09
C ALA B 16 -3.75 5.04 42.32
N ASN B 17 -4.04 4.87 41.03
CA ASN B 17 -4.49 5.99 40.22
C ASN B 17 -5.92 6.48 40.44
N ALA B 18 -6.15 7.72 40.03
CA ALA B 18 -7.44 8.37 40.18
C ALA B 18 -8.51 7.86 39.22
N TYR B 19 -8.08 7.31 38.09
CA TYR B 19 -8.98 6.78 37.07
C TYR B 19 -9.79 5.61 37.62
N TYR B 20 -9.10 4.58 38.11
CA TYR B 20 -9.77 3.41 38.66
C TYR B 20 -10.58 3.84 39.88
N ALA B 21 -9.99 4.69 40.71
CA ALA B 21 -10.68 5.18 41.91
C ALA B 21 -11.99 5.85 41.53
N SER B 22 -12.00 6.56 40.40
CA SER B 22 -13.19 7.24 39.93
C SER B 22 -14.27 6.22 39.59
N GLU B 23 -13.90 5.19 38.82
CA GLU B 23 -14.82 4.15 38.42
C GLU B 23 -15.50 3.53 39.64
N VAL B 24 -14.71 3.17 40.64
CA VAL B 24 -15.24 2.56 41.85
C VAL B 24 -16.19 3.47 42.62
N SER B 25 -15.72 4.68 42.92
CA SER B 25 -16.52 5.63 43.70
C SER B 25 -17.74 6.21 42.98
N SER B 26 -17.65 6.39 41.67
CA SER B 26 -18.74 6.97 40.91
C SER B 26 -19.61 5.99 40.14
N LEU B 27 -19.09 4.80 39.85
CA LEU B 27 -19.87 3.82 39.12
C LEU B 27 -20.22 2.61 39.97
N ALA B 28 -19.45 2.36 41.02
CA ALA B 28 -19.73 1.19 41.85
C ALA B 28 -20.40 1.51 43.18
N ILE B 29 -19.78 2.39 43.97
CA ILE B 29 -20.33 2.72 45.28
C ILE B 29 -21.79 3.18 45.33
N PRO B 30 -22.20 4.07 44.41
CA PRO B 30 -23.59 4.54 44.44
C PRO B 30 -24.60 3.39 44.42
N SER B 31 -24.24 2.29 43.76
CA SER B 31 -25.11 1.12 43.67
C SER B 31 -24.96 0.17 44.86
N LEU B 32 -24.10 0.51 45.81
CA LEU B 32 -23.87 -0.34 46.96
C LEU B 32 -24.31 0.31 48.26
N THR B 33 -24.34 -0.46 49.34
CA THR B 33 -24.74 0.04 50.65
C THR B 33 -23.97 -0.68 51.76
N GLY B 34 -23.98 -0.10 52.95
CA GLY B 34 -23.31 -0.69 54.10
C GLY B 34 -21.91 -1.26 53.89
N ALA B 35 -21.71 -2.46 54.44
CA ALA B 35 -20.43 -3.15 54.36
C ALA B 35 -19.86 -3.22 52.95
N MET B 36 -20.68 -3.60 51.98
CA MET B 36 -20.22 -3.69 50.61
C MET B 36 -19.73 -2.32 50.14
N ALA B 37 -20.52 -1.29 50.40
CA ALA B 37 -20.14 0.07 50.00
C ALA B 37 -18.76 0.41 50.57
N THR B 38 -18.57 0.14 51.86
CA THR B 38 -17.30 0.43 52.52
C THR B 38 -16.13 -0.38 51.99
N ALA B 39 -16.33 -1.67 51.75
CA ALA B 39 -15.27 -2.52 51.24
C ALA B 39 -14.84 -2.00 49.87
N ALA B 40 -15.83 -1.62 49.05
CA ALA B 40 -15.58 -1.10 47.72
C ALA B 40 -14.63 0.11 47.77
N ALA B 41 -14.86 1.00 48.74
CA ALA B 41 -14.03 2.19 48.89
C ALA B 41 -12.56 1.82 49.09
N ALA B 42 -12.33 0.72 49.80
CA ALA B 42 -10.97 0.27 50.07
C ALA B 42 -10.27 -0.31 48.85
N VAL B 43 -11.02 -0.97 47.97
CA VAL B 43 -10.44 -1.56 46.76
C VAL B 43 -9.83 -0.47 45.91
N ALA B 44 -10.48 0.70 45.90
CA ALA B 44 -10.00 1.82 45.11
C ALA B 44 -8.63 2.28 45.57
N LYS B 45 -8.21 1.87 46.76
CA LYS B 45 -6.90 2.26 47.30
C LYS B 45 -5.80 1.25 47.00
N VAL B 46 -6.17 0.13 46.38
CA VAL B 46 -5.19 -0.89 46.01
C VAL B 46 -4.65 -0.45 44.65
N PRO B 47 -3.32 -0.34 44.53
CA PRO B 47 -2.70 0.08 43.26
C PRO B 47 -2.83 -0.96 42.15
N SER B 48 -3.36 -0.52 41.01
CA SER B 48 -3.53 -1.38 39.85
C SER B 48 -2.94 -0.64 38.65
N PHE B 49 -2.50 -1.37 37.63
CA PHE B 49 -1.91 -0.73 36.46
C PHE B 49 -2.91 0.03 35.61
N MET B 50 -2.44 1.12 35.00
CA MET B 50 -3.26 1.92 34.12
C MET B 50 -2.91 1.52 32.69
N TRP B 51 -3.92 1.12 31.93
CA TRP B 51 -3.70 0.68 30.56
C TRP B 51 -3.70 1.83 29.56
N LEU B 52 -2.65 1.88 28.75
CA LEU B 52 -2.54 2.90 27.70
C LEU B 52 -2.91 2.19 26.42
N ASP B 53 -4.17 1.76 26.35
CA ASP B 53 -4.70 1.01 25.21
C ASP B 53 -5.00 1.81 23.94
N THR B 54 -4.82 3.12 24.00
CA THR B 54 -5.02 3.97 22.83
C THR B 54 -4.07 5.14 23.03
N LEU B 55 -3.71 5.82 21.95
CA LEU B 55 -2.81 6.95 22.04
C LEU B 55 -3.48 8.04 22.88
N ASP B 56 -4.80 8.12 22.79
CA ASP B 56 -5.58 9.10 23.52
C ASP B 56 -5.50 8.88 25.03
N LYS B 57 -4.85 7.81 25.44
CA LYS B 57 -4.68 7.52 26.86
C LYS B 57 -3.41 8.14 27.41
N THR B 58 -2.47 8.48 26.53
CA THR B 58 -1.22 9.06 27.00
C THR B 58 -1.42 10.34 27.82
N PRO B 59 -2.45 11.14 27.51
CA PRO B 59 -2.65 12.37 28.30
C PRO B 59 -3.02 11.99 29.74
N LEU B 60 -3.64 10.83 29.90
CA LEU B 60 -4.05 10.32 31.22
C LEU B 60 -2.82 9.83 31.99
N MET B 61 -1.84 9.30 31.27
CA MET B 61 -0.63 8.81 31.89
C MET B 61 0.11 10.01 32.47
N GLU B 62 0.16 11.09 31.69
CA GLU B 62 0.83 12.32 32.10
C GLU B 62 0.14 12.92 33.32
N GLN B 63 -1.20 12.91 33.33
CA GLN B 63 -1.98 13.43 34.45
C GLN B 63 -1.70 12.61 35.71
N THR B 64 -1.46 11.31 35.53
CA THR B 64 -1.19 10.43 36.66
C THR B 64 0.20 10.73 37.23
N LEU B 65 1.19 10.92 36.37
CA LEU B 65 2.53 11.21 36.82
C LEU B 65 2.58 12.59 37.46
N ALA B 66 1.71 13.49 37.01
CA ALA B 66 1.65 14.82 37.57
C ALA B 66 1.20 14.67 39.02
N ASP B 67 0.17 13.84 39.24
CA ASP B 67 -0.36 13.60 40.58
C ASP B 67 0.74 13.02 41.47
N ILE B 68 1.49 12.06 40.94
CA ILE B 68 2.56 11.43 41.70
C ILE B 68 3.65 12.41 42.07
N ARG B 69 4.05 13.26 41.12
CA ARG B 69 5.10 14.24 41.40
C ARG B 69 4.66 15.13 42.55
N THR B 70 3.41 15.55 42.51
CA THR B 70 2.87 16.40 43.58
C THR B 70 2.82 15.62 44.88
N ALA B 71 2.28 14.40 44.82
CA ALA B 71 2.18 13.56 46.01
C ALA B 71 3.56 13.38 46.64
N ASN B 72 4.58 13.22 45.80
CA ASN B 72 5.94 13.04 46.26
C ASN B 72 6.51 14.38 46.72
N LYS B 73 6.01 15.46 46.13
CA LYS B 73 6.46 16.80 46.48
C LYS B 73 5.92 17.13 47.87
N ASN B 74 4.79 16.53 48.22
CA ASN B 74 4.17 16.74 49.52
C ASN B 74 4.70 15.70 50.51
N GLY B 75 5.81 15.05 50.15
CA GLY B 75 6.39 14.06 51.03
C GLY B 75 6.07 12.61 50.67
N GLY B 76 5.71 12.37 49.42
CA GLY B 76 5.40 11.01 48.99
C GLY B 76 6.58 10.30 48.36
N ASN B 77 6.42 9.01 48.10
CA ASN B 77 7.46 8.20 47.49
C ASN B 77 6.81 7.14 46.59
N TYR B 78 5.89 7.60 45.76
CA TYR B 78 5.14 6.74 44.86
C TYR B 78 5.76 6.54 43.49
N ALA B 79 5.38 5.46 42.84
CA ALA B 79 5.85 5.10 41.50
C ALA B 79 4.62 4.87 40.60
N GLY B 80 4.78 5.14 39.30
CA GLY B 80 3.68 4.96 38.37
C GLY B 80 3.67 3.57 37.75
N GLN B 81 2.47 3.08 37.43
CA GLN B 81 2.31 1.75 36.83
C GLN B 81 1.44 1.84 35.58
N PHE B 82 1.99 1.44 34.43
CA PHE B 82 1.24 1.52 33.18
C PHE B 82 1.44 0.31 32.28
N VAL B 83 0.47 0.06 31.43
CA VAL B 83 0.57 -1.05 30.49
C VAL B 83 0.65 -0.48 29.08
N VAL B 84 1.66 -0.90 28.32
CA VAL B 84 1.81 -0.47 26.94
C VAL B 84 1.03 -1.52 26.17
N TYR B 85 -0.07 -1.10 25.54
CA TYR B 85 -0.93 -2.04 24.85
C TYR B 85 -1.63 -1.43 23.64
N ASP B 86 -0.92 -1.31 22.51
CA ASP B 86 -1.53 -0.72 21.34
C ASP B 86 -0.92 -1.18 20.02
N LEU B 87 -0.41 -2.41 19.98
CA LEU B 87 0.21 -2.94 18.77
C LEU B 87 -0.74 -2.90 17.58
N PRO B 88 -0.19 -2.76 16.36
CA PRO B 88 -1.07 -2.74 15.18
C PRO B 88 -1.52 -4.19 14.98
N ASP B 89 -2.77 -4.39 14.58
CA ASP B 89 -3.32 -5.74 14.40
C ASP B 89 -3.19 -6.45 15.76
N ARG B 90 -3.58 -5.73 16.81
CA ARG B 90 -3.52 -6.19 18.19
C ARG B 90 -4.43 -7.39 18.44
N ASP B 91 -4.04 -8.26 19.36
CA ASP B 91 -4.81 -9.45 19.71
C ASP B 91 -5.16 -10.23 18.46
N CYS B 92 -4.13 -10.65 17.73
CA CYS B 92 -4.27 -11.37 16.48
C CYS B 92 -5.07 -12.67 16.50
N ALA B 93 -5.16 -13.31 17.66
CA ALA B 93 -5.89 -14.57 17.76
C ALA B 93 -7.31 -14.46 18.27
N ALA B 94 -7.75 -13.26 18.63
CA ALA B 94 -9.11 -13.09 19.15
C ALA B 94 -10.12 -12.91 18.03
N LEU B 95 -11.33 -13.44 18.24
CA LEU B 95 -12.40 -13.34 17.25
C LEU B 95 -12.69 -11.88 16.92
N ALA B 96 -12.40 -11.00 17.87
CA ALA B 96 -12.62 -9.57 17.69
C ALA B 96 -11.65 -8.74 18.52
N SER B 97 -11.07 -7.71 17.90
CA SER B 97 -10.13 -6.83 18.57
C SER B 97 -10.53 -5.36 18.51
N ASN B 98 -10.13 -4.60 19.52
CA ASN B 98 -10.46 -3.18 19.60
C ASN B 98 -9.27 -2.32 19.20
N GLY B 99 -8.20 -2.98 18.75
CA GLY B 99 -7.00 -2.26 18.33
C GLY B 99 -7.29 -1.14 17.37
N GLU B 100 -6.74 0.04 17.65
CA GLU B 100 -6.96 1.21 16.79
C GLU B 100 -6.05 1.28 15.56
N TYR B 101 -4.92 0.58 15.58
CA TYR B 101 -4.01 0.59 14.44
C TYR B 101 -3.94 -0.74 13.72
N SER B 102 -3.85 -0.69 12.39
CA SER B 102 -3.75 -1.90 11.59
C SER B 102 -2.47 -1.83 10.74
N ILE B 103 -1.77 -2.94 10.64
CA ILE B 103 -0.53 -2.99 9.88
C ILE B 103 -0.71 -2.52 8.44
N ALA B 104 -1.84 -2.88 7.83
CA ALA B 104 -2.13 -2.52 6.45
C ALA B 104 -2.38 -1.02 6.25
N ASP B 105 -2.59 -0.28 7.34
CA ASP B 105 -2.84 1.14 7.24
C ASP B 105 -1.83 1.97 8.05
N GLY B 106 -0.55 1.77 7.75
CA GLY B 106 0.52 2.49 8.44
C GLY B 106 0.60 2.19 9.92
N GLY B 107 0.08 1.03 10.32
CA GLY B 107 0.07 0.65 11.72
C GLY B 107 1.40 0.65 12.45
N VAL B 108 2.45 0.15 11.80
CA VAL B 108 3.75 0.12 12.44
C VAL B 108 4.31 1.50 12.68
N ALA B 109 4.12 2.39 11.71
CA ALA B 109 4.61 3.77 11.86
C ALA B 109 3.83 4.47 12.96
N LYS B 110 2.53 4.20 13.03
CA LYS B 110 1.70 4.81 14.06
C LYS B 110 2.06 4.27 15.45
N TYR B 111 2.40 2.99 15.53
CA TYR B 111 2.79 2.43 16.82
C TYR B 111 4.07 3.12 17.30
N LYS B 112 4.99 3.34 16.38
CA LYS B 112 6.24 4.00 16.74
C LYS B 112 5.99 5.41 17.29
N ASN B 113 5.02 6.12 16.73
CA ASN B 113 4.71 7.46 17.22
C ASN B 113 4.10 7.34 18.61
N TYR B 114 3.29 6.31 18.81
CA TYR B 114 2.65 6.03 20.09
C TYR B 114 3.76 5.83 21.15
N ILE B 115 4.75 5.00 20.84
CA ILE B 115 5.87 4.78 21.76
C ILE B 115 6.64 6.09 21.98
N ASP B 116 6.87 6.84 20.90
CA ASP B 116 7.58 8.11 21.02
C ASP B 116 6.85 9.01 22.02
N THR B 117 5.52 9.02 21.96
CA THR B 117 4.73 9.85 22.86
C THR B 117 4.96 9.44 24.32
N ILE B 118 5.02 8.14 24.55
CA ILE B 118 5.24 7.62 25.89
C ILE B 118 6.64 7.95 26.37
N ARG B 119 7.62 7.80 25.49
CA ARG B 119 9.01 8.09 25.86
C ARG B 119 9.17 9.53 26.33
N GLN B 120 8.59 10.47 25.58
CA GLN B 120 8.68 11.87 25.95
C GLN B 120 8.12 12.13 27.34
N ILE B 121 7.02 11.45 27.64
CA ILE B 121 6.39 11.60 28.95
C ILE B 121 7.31 11.08 30.04
N VAL B 122 7.92 9.91 29.80
CA VAL B 122 8.81 9.33 30.79
C VAL B 122 10.10 10.15 30.93
N VAL B 123 10.51 10.81 29.86
CA VAL B 123 11.70 11.65 29.90
C VAL B 123 11.36 12.87 30.75
N GLU B 124 10.19 13.44 30.50
CA GLU B 124 9.74 14.63 31.25
C GLU B 124 9.67 14.28 32.74
N TYR B 125 9.12 13.11 33.04
CA TYR B 125 8.99 12.67 34.42
C TYR B 125 10.08 11.67 34.85
N SER B 126 11.32 12.00 34.52
CA SER B 126 12.46 11.15 34.87
C SER B 126 12.64 11.08 36.38
N ASP B 127 11.86 11.87 37.12
CA ASP B 127 11.96 11.89 38.57
C ASP B 127 11.03 10.88 39.24
N ILE B 128 10.26 10.15 38.45
CA ILE B 128 9.34 9.16 38.99
C ILE B 128 9.62 7.75 38.45
N ARG B 129 9.83 6.80 39.35
CA ARG B 129 10.08 5.43 38.90
C ARG B 129 8.82 4.95 38.21
N THR B 130 8.98 4.44 37.00
CA THR B 130 7.85 4.01 36.19
C THR B 130 7.95 2.52 35.85
N LEU B 131 6.92 1.78 36.24
CA LEU B 131 6.85 0.34 36.03
C LEU B 131 5.90 0.05 34.88
N LEU B 132 6.41 -0.67 33.89
CA LEU B 132 5.63 -0.97 32.69
C LEU B 132 5.51 -2.44 32.32
N VAL B 133 4.34 -2.80 31.81
CA VAL B 133 4.09 -4.16 31.34
C VAL B 133 3.97 -3.94 29.84
N ILE B 134 4.84 -4.59 29.07
CA ILE B 134 4.84 -4.43 27.64
C ILE B 134 3.99 -5.42 26.84
N GLU B 135 3.00 -4.86 26.15
CA GLU B 135 2.10 -5.57 25.26
C GLU B 135 1.57 -6.95 25.62
N PRO B 136 0.55 -7.01 26.50
CA PRO B 136 -0.02 -8.30 26.88
C PRO B 136 -0.64 -8.96 25.65
N ASP B 137 -0.79 -10.28 25.67
CA ASP B 137 -1.43 -10.99 24.58
C ASP B 137 -0.82 -10.74 23.19
N SER B 138 0.50 -10.64 23.09
CA SER B 138 1.14 -10.44 21.79
C SER B 138 2.16 -11.56 21.51
N LEU B 139 3.29 -11.54 22.19
CA LEU B 139 4.31 -12.57 22.00
C LEU B 139 3.79 -13.98 22.29
N ALA B 140 2.89 -14.10 23.27
CA ALA B 140 2.37 -15.43 23.59
C ALA B 140 1.62 -16.02 22.39
N ASN B 141 0.98 -15.16 21.60
CA ASN B 141 0.27 -15.61 20.41
C ASN B 141 1.21 -16.10 19.30
N LEU B 142 2.43 -15.59 19.31
CA LEU B 142 3.39 -15.99 18.30
C LEU B 142 3.97 -17.36 18.65
N VAL B 143 3.82 -17.76 19.91
CA VAL B 143 4.34 -19.05 20.33
C VAL B 143 3.38 -20.21 20.05
N THR B 144 2.08 -19.98 20.20
CA THR B 144 1.11 -21.04 19.98
C THR B 144 0.08 -20.77 18.89
N ASN B 145 -0.02 -19.52 18.45
CA ASN B 145 -1.03 -19.19 17.45
C ASN B 145 -0.60 -18.75 16.06
N LEU B 146 0.62 -19.13 15.63
CA LEU B 146 1.06 -18.77 14.30
C LEU B 146 0.14 -19.46 13.30
N GLY B 147 -0.61 -20.44 13.78
CA GLY B 147 -1.54 -21.17 12.93
C GLY B 147 -2.75 -20.31 12.57
N THR B 148 -2.86 -19.15 13.21
CA THR B 148 -3.95 -18.22 12.91
C THR B 148 -3.34 -17.23 11.93
N PRO B 149 -3.84 -17.20 10.69
CA PRO B 149 -3.34 -16.30 9.65
C PRO B 149 -3.04 -14.87 10.10
N LYS B 150 -3.93 -14.28 10.89
CA LYS B 150 -3.72 -12.91 11.35
C LYS B 150 -2.44 -12.77 12.19
N CYS B 151 -2.12 -13.80 12.96
CA CYS B 151 -0.92 -13.76 13.78
C CYS B 151 0.32 -13.97 12.92
N ALA B 152 0.24 -14.93 12.01
CA ALA B 152 1.33 -15.21 11.11
C ALA B 152 1.69 -13.94 10.34
N ASN B 153 0.67 -13.26 9.83
CA ASN B 153 0.89 -12.02 9.07
C ASN B 153 1.34 -10.87 9.95
N ALA B 154 1.09 -10.97 11.25
CA ALA B 154 1.47 -9.90 12.17
C ALA B 154 2.81 -10.12 12.85
N GLN B 155 3.38 -11.32 12.72
CA GLN B 155 4.65 -11.63 13.37
C GLN B 155 5.73 -10.57 13.19
N SER B 156 6.04 -10.26 11.93
CA SER B 156 7.06 -9.26 11.64
C SER B 156 6.81 -7.92 12.33
N ALA B 157 5.59 -7.41 12.19
CA ALA B 157 5.22 -6.13 12.79
C ALA B 157 5.34 -6.18 14.32
N TYR B 158 4.87 -7.25 14.94
CA TYR B 158 4.95 -7.41 16.40
C TYR B 158 6.39 -7.32 16.90
N LEU B 159 7.29 -8.06 16.28
CA LEU B 159 8.69 -8.07 16.68
C LEU B 159 9.37 -6.72 16.46
N GLU B 160 9.06 -6.08 15.34
CA GLU B 160 9.67 -4.78 15.05
C GLU B 160 9.17 -3.77 16.07
N CYS B 161 7.86 -3.76 16.29
CA CYS B 161 7.24 -2.85 17.24
C CYS B 161 7.69 -3.06 18.67
N ILE B 162 7.68 -4.31 19.13
CA ILE B 162 8.11 -4.61 20.50
C ILE B 162 9.58 -4.23 20.70
N ASN B 163 10.40 -4.43 19.66
CA ASN B 163 11.80 -4.06 19.76
C ASN B 163 11.93 -2.55 19.91
N TYR B 164 11.09 -1.82 19.18
CA TYR B 164 11.11 -0.35 19.24
C TYR B 164 10.73 0.12 20.64
N ALA B 165 9.66 -0.45 21.17
CA ALA B 165 9.16 -0.09 22.49
C ALA B 165 10.19 -0.34 23.59
N VAL B 166 10.76 -1.54 23.59
CA VAL B 166 11.75 -1.93 24.59
C VAL B 166 13.05 -1.15 24.49
N THR B 167 13.34 -0.58 23.32
CA THR B 167 14.56 0.20 23.19
C THR B 167 14.32 1.69 23.46
N GLN B 168 13.19 2.20 23.00
CA GLN B 168 12.86 3.61 23.19
C GLN B 168 12.45 3.95 24.62
N LEU B 169 11.97 2.96 25.36
CA LEU B 169 11.57 3.22 26.75
C LEU B 169 12.64 2.72 27.71
N ASN B 170 13.81 2.40 27.18
CA ASN B 170 14.93 1.93 27.98
C ASN B 170 15.58 3.16 28.63
N LEU B 171 14.98 3.60 29.73
CA LEU B 171 15.45 4.78 30.45
C LEU B 171 15.78 4.44 31.91
N PRO B 172 16.59 5.27 32.58
CA PRO B 172 17.03 5.12 33.97
C PRO B 172 15.95 4.96 35.04
N ASN B 173 14.81 5.63 34.86
CA ASN B 173 13.72 5.56 35.84
C ASN B 173 12.67 4.51 35.45
N VAL B 174 12.98 3.72 34.42
CA VAL B 174 12.05 2.71 33.94
C VAL B 174 12.43 1.27 34.23
N ALA B 175 11.40 0.45 34.42
CA ALA B 175 11.54 -0.99 34.62
C ALA B 175 10.44 -1.61 33.78
N MET B 176 10.81 -2.44 32.80
CA MET B 176 9.84 -3.07 31.94
C MET B 176 9.76 -4.58 32.13
N TYR B 177 8.55 -5.11 31.98
CA TYR B 177 8.32 -6.54 32.08
C TYR B 177 7.53 -6.95 30.85
N LEU B 178 8.15 -7.77 30.01
CA LEU B 178 7.51 -8.25 28.79
C LEU B 178 6.39 -9.20 29.18
N ASP B 179 5.23 -9.06 28.55
CA ASP B 179 4.15 -9.97 28.88
C ASP B 179 4.55 -11.36 28.41
N ALA B 180 4.30 -12.37 29.25
CA ALA B 180 4.66 -13.73 28.92
C ALA B 180 3.52 -14.73 29.13
N GLY B 181 2.30 -14.31 28.84
CA GLY B 181 1.18 -15.22 29.03
C GLY B 181 1.06 -15.75 30.44
N HIS B 182 0.67 -17.02 30.57
CA HIS B 182 0.49 -17.64 31.88
C HIS B 182 0.69 -19.16 31.86
N ALA B 183 0.65 -19.77 33.04
CA ALA B 183 0.83 -21.22 33.17
C ALA B 183 -0.01 -22.08 32.23
N GLY B 184 -1.27 -21.70 32.04
CA GLY B 184 -2.13 -22.49 31.17
C GLY B 184 -1.89 -22.29 29.69
N TRP B 185 -1.13 -21.26 29.35
CA TRP B 185 -0.82 -20.95 27.96
C TRP B 185 0.56 -21.48 27.57
N LEU B 186 1.60 -20.94 28.19
CA LEU B 186 2.97 -21.32 27.86
C LEU B 186 3.62 -22.26 28.86
N GLY B 187 2.88 -22.63 29.90
CA GLY B 187 3.41 -23.52 30.91
C GLY B 187 3.49 -24.97 30.50
N TRP B 188 2.79 -25.35 29.42
CA TRP B 188 2.81 -26.72 28.95
C TRP B 188 4.22 -27.07 28.49
N PRO B 189 4.65 -28.32 28.72
CA PRO B 189 5.99 -28.80 28.34
C PRO B 189 6.48 -28.33 26.97
N ALA B 190 5.74 -28.66 25.93
CA ALA B 190 6.10 -28.29 24.56
C ALA B 190 6.21 -26.79 24.28
N ASN B 191 5.54 -25.98 25.09
CA ASN B 191 5.56 -24.52 24.90
C ASN B 191 6.64 -23.77 25.67
N GLN B 192 7.14 -24.37 26.74
CA GLN B 192 8.17 -23.72 27.56
C GLN B 192 9.42 -23.24 26.83
N ASP B 193 10.09 -24.13 26.11
CA ASP B 193 11.31 -23.74 25.42
C ASP B 193 11.10 -22.72 24.30
N PRO B 194 10.16 -22.99 23.38
CA PRO B 194 9.96 -22.02 22.31
C PRO B 194 9.60 -20.64 22.84
N ALA B 195 8.85 -20.61 23.95
CA ALA B 195 8.48 -19.34 24.55
C ALA B 195 9.72 -18.64 25.11
N ALA B 196 10.49 -19.36 25.93
CA ALA B 196 11.70 -18.79 26.53
C ALA B 196 12.68 -18.30 25.46
N GLN B 197 12.75 -19.05 24.37
CA GLN B 197 13.65 -18.71 23.27
C GLN B 197 13.19 -17.40 22.63
N LEU B 198 11.88 -17.23 22.49
CA LEU B 198 11.34 -16.02 21.89
C LEU B 198 11.60 -14.81 22.78
N PHE B 199 11.32 -14.93 24.07
CA PHE B 199 11.54 -13.83 25.00
C PHE B 199 13.02 -13.45 25.05
N ALA B 200 13.88 -14.45 25.15
CA ALA B 200 15.32 -14.19 25.22
C ALA B 200 15.79 -13.53 23.93
N ASN B 201 15.26 -13.98 22.79
CA ASN B 201 15.64 -13.38 21.51
C ASN B 201 15.26 -11.92 21.45
N VAL B 202 14.08 -11.60 21.97
CA VAL B 202 13.61 -10.22 21.96
C VAL B 202 14.60 -9.38 22.78
N TYR B 203 14.95 -9.88 23.96
CA TYR B 203 15.89 -9.21 24.86
C TYR B 203 17.24 -8.94 24.21
N LYS B 204 17.85 -9.98 23.67
CA LYS B 204 19.16 -9.87 23.02
C LYS B 204 19.10 -8.99 21.78
N ASN B 205 18.11 -9.24 20.93
CA ASN B 205 17.95 -8.48 19.69
C ASN B 205 17.82 -6.98 19.97
N ALA B 206 17.43 -6.63 21.19
CA ALA B 206 17.30 -5.22 21.57
C ALA B 206 18.55 -4.75 22.31
N SER B 207 19.62 -5.53 22.24
CA SER B 207 20.88 -5.21 22.89
C SER B 207 20.84 -5.34 24.42
N SER B 208 20.00 -6.25 24.91
CA SER B 208 19.90 -6.48 26.35
C SER B 208 19.61 -5.21 27.14
N PRO B 209 18.44 -4.60 26.91
CA PRO B 209 18.08 -3.37 27.62
C PRO B 209 18.15 -3.54 29.13
N ARG B 210 18.89 -2.65 29.78
CA ARG B 210 19.04 -2.71 31.23
C ARG B 210 17.71 -2.46 31.94
N ALA B 211 16.84 -1.69 31.31
CA ALA B 211 15.53 -1.36 31.89
C ALA B 211 14.55 -2.51 31.72
N LEU B 212 14.88 -3.46 30.85
CA LEU B 212 14.02 -4.62 30.64
C LEU B 212 14.35 -5.63 31.74
N ARG B 213 13.64 -5.50 32.86
CA ARG B 213 13.86 -6.35 34.02
C ARG B 213 13.41 -7.80 33.88
N GLY B 214 12.32 -8.04 33.15
CA GLY B 214 11.88 -9.41 33.01
C GLY B 214 10.55 -9.62 32.32
N LEU B 215 9.75 -10.53 32.87
CA LEU B 215 8.44 -10.85 32.29
C LEU B 215 7.30 -10.66 33.26
N ALA B 216 6.13 -10.41 32.70
CA ALA B 216 4.90 -10.25 33.48
C ALA B 216 4.05 -11.46 33.10
N THR B 217 3.47 -12.13 34.10
CA THR B 217 2.63 -13.28 33.80
C THR B 217 1.22 -13.13 34.34
N ASN B 218 0.32 -13.93 33.79
CA ASN B 218 -1.08 -13.98 34.17
C ASN B 218 -1.83 -12.66 34.05
N VAL B 219 -1.35 -11.77 33.19
CA VAL B 219 -1.99 -10.49 32.97
C VAL B 219 -3.41 -10.65 32.42
N ALA B 220 -4.38 -10.11 33.17
CA ALA B 220 -5.78 -10.19 32.78
C ALA B 220 -6.27 -11.62 32.89
N ASN B 221 -5.52 -12.48 33.57
CA ASN B 221 -5.98 -13.84 33.73
C ASN B 221 -6.29 -14.15 35.20
N TYR B 222 -6.50 -15.42 35.52
CA TYR B 222 -6.93 -15.78 36.86
C TYR B 222 -6.19 -16.90 37.59
N ASN B 223 -5.09 -17.40 37.03
CA ASN B 223 -4.37 -18.49 37.69
C ASN B 223 -3.95 -18.16 39.11
N GLY B 224 -3.84 -19.20 39.94
CA GLY B 224 -3.42 -18.98 41.30
C GLY B 224 -1.92 -18.79 41.28
N TRP B 225 -1.39 -18.08 42.28
CA TRP B 225 0.04 -17.86 42.35
C TRP B 225 0.75 -19.10 42.86
N ASN B 226 0.37 -19.56 44.05
CA ASN B 226 1.03 -20.73 44.63
C ASN B 226 0.11 -21.77 45.24
N ILE B 227 -1.11 -21.91 44.70
CA ILE B 227 -2.06 -22.89 45.22
C ILE B 227 -1.43 -24.29 45.22
N THR B 228 -1.68 -25.04 46.28
CA THR B 228 -1.12 -26.36 46.45
C THR B 228 -1.92 -27.51 45.84
N SER B 229 -3.12 -27.21 45.36
CA SER B 229 -3.99 -28.20 44.75
C SER B 229 -4.25 -27.79 43.31
N PRO B 230 -3.99 -28.67 42.33
CA PRO B 230 -4.25 -28.34 40.93
C PRO B 230 -5.73 -28.41 40.55
N PRO B 231 -6.30 -27.29 40.10
CA PRO B 231 -7.70 -27.25 39.71
C PRO B 231 -7.98 -28.30 38.64
N SER B 232 -9.23 -28.75 38.53
CA SER B 232 -9.59 -29.77 37.54
C SER B 232 -9.28 -29.36 36.11
N TYR B 233 -9.58 -28.12 35.74
CA TYR B 233 -9.33 -27.67 34.37
C TYR B 233 -7.86 -27.63 33.96
N THR B 234 -6.94 -27.78 34.91
CA THR B 234 -5.52 -27.76 34.58
C THR B 234 -4.96 -29.16 34.27
N GLN B 235 -5.83 -30.16 34.34
CA GLN B 235 -5.43 -31.53 34.10
C GLN B 235 -4.57 -31.70 32.85
N GLY B 236 -3.48 -32.44 33.00
CA GLY B 236 -2.59 -32.67 31.88
C GLY B 236 -1.35 -31.79 31.91
N ASN B 237 -1.36 -30.75 32.75
CA ASN B 237 -0.22 -29.84 32.85
C ASN B 237 0.31 -29.75 34.28
N ALA B 238 1.54 -30.23 34.48
CA ALA B 238 2.15 -30.21 35.81
C ALA B 238 2.38 -28.78 36.29
N VAL B 239 2.52 -27.85 35.35
CA VAL B 239 2.70 -26.45 35.70
C VAL B 239 1.29 -25.87 35.76
N TYR B 240 0.69 -25.91 36.94
CA TYR B 240 -0.68 -25.44 37.12
C TYR B 240 -0.89 -24.13 37.87
N ASN B 241 0.20 -23.48 38.28
CA ASN B 241 0.07 -22.19 38.94
C ASN B 241 1.20 -21.29 38.43
N GLU B 242 1.16 -20.00 38.77
CA GLU B 242 2.17 -19.10 38.26
C GLU B 242 3.56 -19.27 38.85
N LYS B 243 3.64 -19.68 40.11
CA LYS B 243 4.94 -19.89 40.75
C LYS B 243 5.70 -20.96 39.96
N LEU B 244 5.04 -22.08 39.69
CA LEU B 244 5.65 -23.16 38.93
C LEU B 244 6.02 -22.69 37.54
N TYR B 245 5.21 -21.81 36.96
CA TYR B 245 5.47 -21.31 35.62
C TYR B 245 6.74 -20.47 35.52
N ILE B 246 6.91 -19.49 36.40
CA ILE B 246 8.10 -18.66 36.32
C ILE B 246 9.35 -19.44 36.73
N HIS B 247 9.20 -20.40 37.64
CA HIS B 247 10.35 -21.19 38.08
C HIS B 247 10.74 -22.21 37.01
N ALA B 248 9.86 -22.40 36.04
CA ALA B 248 10.15 -23.33 34.96
C ALA B 248 10.81 -22.58 33.81
N ILE B 249 10.24 -21.43 33.44
CA ILE B 249 10.78 -20.64 32.35
C ILE B 249 12.02 -19.82 32.70
N GLY B 250 12.14 -19.42 33.96
CA GLY B 250 13.30 -18.63 34.36
C GLY B 250 14.63 -19.20 33.89
N PRO B 251 14.94 -20.47 34.23
CA PRO B 251 16.20 -21.10 33.82
C PRO B 251 16.34 -21.19 32.30
N LEU B 252 15.23 -21.45 31.62
CA LEU B 252 15.27 -21.55 30.17
C LEU B 252 15.69 -20.22 29.54
N LEU B 253 15.30 -19.11 30.17
CA LEU B 253 15.68 -17.79 29.66
C LEU B 253 17.18 -17.62 29.78
N ALA B 254 17.71 -18.06 30.91
CA ALA B 254 19.13 -17.98 31.17
C ALA B 254 19.87 -18.86 30.16
N ASN B 255 19.25 -19.98 29.79
CA ASN B 255 19.82 -20.89 28.81
C ASN B 255 19.91 -20.25 27.44
N HIS B 256 18.98 -19.34 27.16
CA HIS B 256 18.92 -18.66 25.87
C HIS B 256 19.54 -17.27 25.83
N GLY B 257 20.40 -16.96 26.79
CA GLY B 257 21.06 -15.67 26.79
C GLY B 257 20.46 -14.55 27.63
N TRP B 258 19.40 -14.84 28.38
CA TRP B 258 18.79 -13.81 29.23
C TRP B 258 18.89 -14.25 30.69
N SER B 259 20.01 -13.93 31.31
CA SER B 259 20.23 -14.27 32.70
C SER B 259 19.74 -13.10 33.55
N ASN B 260 19.44 -13.37 34.82
CA ASN B 260 18.99 -12.33 35.74
C ASN B 260 17.63 -11.72 35.37
N ALA B 261 16.73 -12.54 34.84
CA ALA B 261 15.40 -12.09 34.48
C ALA B 261 14.46 -12.35 35.64
N PHE B 262 13.72 -11.33 36.06
CA PHE B 262 12.77 -11.49 37.15
C PHE B 262 11.33 -11.35 36.66
N PHE B 263 10.37 -11.59 37.56
CA PHE B 263 8.96 -11.55 37.16
C PHE B 263 8.02 -10.79 38.08
N ILE B 264 6.86 -10.43 37.53
CA ILE B 264 5.78 -9.83 38.30
C ILE B 264 4.60 -10.67 37.85
N THR B 265 3.63 -10.89 38.73
CA THR B 265 2.49 -11.70 38.38
C THR B 265 1.19 -11.06 38.82
N ASP B 266 0.24 -10.98 37.89
CA ASP B 266 -1.08 -10.42 38.12
C ASP B 266 -1.85 -11.37 39.02
N GLN B 267 -2.42 -10.84 40.10
CA GLN B 267 -3.23 -11.63 41.03
C GLN B 267 -4.53 -10.91 41.33
N GLY B 268 -4.81 -9.86 40.56
CA GLY B 268 -6.02 -9.06 40.74
C GLY B 268 -7.36 -9.77 40.65
N ARG B 269 -7.39 -10.94 40.02
CA ARG B 269 -8.65 -11.69 39.89
C ARG B 269 -8.37 -13.17 40.17
N SER B 270 -7.37 -13.41 41.01
CA SER B 270 -6.95 -14.77 41.36
C SER B 270 -7.28 -15.18 42.79
N GLY B 271 -8.04 -14.37 43.50
CA GLY B 271 -8.37 -14.66 44.89
C GLY B 271 -9.11 -15.95 45.19
N LYS B 272 -10.07 -16.31 44.33
CA LYS B 272 -10.85 -17.52 44.52
C LYS B 272 -10.31 -18.65 43.66
N GLN B 273 -9.85 -19.72 44.31
CA GLN B 273 -9.29 -20.88 43.63
C GLN B 273 -9.91 -22.15 44.20
N PRO B 274 -10.41 -23.03 43.33
CA PRO B 274 -10.40 -22.88 41.88
C PRO B 274 -11.39 -21.82 41.39
N THR B 275 -11.22 -21.38 40.15
CA THR B 275 -12.10 -20.38 39.57
C THR B 275 -13.33 -21.11 39.02
N GLY B 276 -14.21 -20.35 38.39
CA GLY B 276 -15.42 -20.93 37.82
C GLY B 276 -15.19 -21.39 36.39
N GLN B 277 -13.93 -21.43 35.98
CA GLN B 277 -13.58 -21.85 34.63
C GLN B 277 -13.93 -23.31 34.39
N GLN B 278 -14.57 -23.58 33.25
CA GLN B 278 -14.95 -24.94 32.91
C GLN B 278 -13.90 -25.47 31.92
N GLN B 279 -13.16 -24.53 31.33
CA GLN B 279 -12.10 -24.82 30.38
C GLN B 279 -10.97 -23.82 30.69
N TRP B 280 -9.75 -24.31 30.83
CA TRP B 280 -8.62 -23.44 31.17
C TRP B 280 -8.44 -22.31 30.16
N GLY B 281 -8.75 -22.58 28.90
CA GLY B 281 -8.60 -21.58 27.87
C GLY B 281 -9.65 -20.48 27.88
N ASP B 282 -10.66 -20.62 28.72
CA ASP B 282 -11.72 -19.62 28.83
C ASP B 282 -11.16 -18.42 29.60
N TRP B 283 -11.11 -17.26 28.93
CA TRP B 283 -10.53 -16.05 29.50
C TRP B 283 -11.44 -14.83 29.72
N CYS B 284 -12.64 -14.85 29.13
CA CYS B 284 -13.54 -13.70 29.23
C CYS B 284 -14.47 -13.62 30.43
N ASN B 285 -14.32 -12.52 31.19
CA ASN B 285 -15.15 -12.26 32.37
C ASN B 285 -15.50 -13.56 33.09
N VAL B 286 -14.48 -14.33 33.45
CA VAL B 286 -14.68 -15.61 34.14
C VAL B 286 -15.43 -15.46 35.45
N ILE B 287 -16.41 -16.34 35.66
CA ILE B 287 -17.22 -16.33 36.86
C ILE B 287 -16.50 -16.99 38.04
N GLY B 288 -17.02 -16.75 39.24
CA GLY B 288 -16.44 -17.35 40.43
C GLY B 288 -15.01 -16.95 40.74
N THR B 289 -14.67 -15.69 40.49
CA THR B 289 -13.32 -15.19 40.76
C THR B 289 -13.39 -14.09 41.81
N GLY B 290 -12.25 -13.74 42.37
CA GLY B 290 -12.23 -12.68 43.37
C GLY B 290 -10.90 -11.95 43.39
N PHE B 291 -10.89 -10.75 43.94
CA PHE B 291 -9.65 -9.98 44.08
C PHE B 291 -8.71 -10.90 44.86
N GLY B 292 -7.43 -10.90 44.52
CA GLY B 292 -6.50 -11.78 45.21
C GLY B 292 -5.40 -11.11 46.00
N ILE B 293 -4.25 -11.77 46.05
CA ILE B 293 -3.09 -11.26 46.79
C ILE B 293 -2.86 -9.80 46.44
N ARG B 294 -2.77 -8.96 47.46
CA ARG B 294 -2.55 -7.53 47.28
C ARG B 294 -1.14 -7.25 46.75
N PRO B 295 -0.99 -6.23 45.91
CA PRO B 295 0.32 -5.87 45.36
C PRO B 295 1.35 -5.72 46.48
N SER B 296 2.51 -6.34 46.30
CA SER B 296 3.57 -6.26 47.31
C SER B 296 4.89 -6.87 46.82
N ALA B 297 5.98 -6.19 47.15
CA ALA B 297 7.32 -6.63 46.79
C ALA B 297 7.79 -7.75 47.71
N ASN B 298 7.11 -7.93 48.84
CA ASN B 298 7.48 -9.00 49.76
C ASN B 298 6.78 -10.27 49.31
N THR B 299 7.34 -10.86 48.27
CA THR B 299 6.79 -12.05 47.63
C THR B 299 7.25 -13.39 48.19
N GLY B 300 8.25 -13.38 49.05
CA GLY B 300 8.75 -14.64 49.59
C GLY B 300 9.17 -15.57 48.46
N ASP B 301 9.58 -14.99 47.35
CA ASP B 301 9.99 -15.78 46.19
C ASP B 301 11.26 -15.20 45.58
N SER B 302 12.16 -16.06 45.15
CA SER B 302 13.44 -15.62 44.57
C SER B 302 13.33 -14.95 43.20
N LEU B 303 12.32 -15.34 42.42
CA LEU B 303 12.16 -14.77 41.08
C LEU B 303 11.08 -13.69 40.90
N LEU B 304 10.13 -13.64 41.82
CA LEU B 304 9.04 -12.66 41.71
C LEU B 304 9.39 -11.33 42.35
N ASP B 305 9.54 -10.29 41.53
CA ASP B 305 9.84 -8.96 42.03
C ASP B 305 8.65 -8.43 42.82
N SER B 306 7.45 -8.81 42.40
CA SER B 306 6.26 -8.32 43.09
C SER B 306 4.95 -8.93 42.61
N PHE B 307 3.97 -8.94 43.53
CA PHE B 307 2.62 -9.38 43.18
C PHE B 307 2.06 -8.06 42.66
N VAL B 308 1.22 -8.11 41.64
CA VAL B 308 0.65 -6.90 41.08
C VAL B 308 -0.78 -7.11 40.62
N TRP B 309 -1.50 -6.01 40.44
CA TRP B 309 -2.86 -6.04 39.93
C TRP B 309 -2.72 -5.28 38.62
N VAL B 310 -2.58 -6.01 37.51
CA VAL B 310 -2.41 -5.35 36.23
C VAL B 310 -3.78 -5.05 35.61
N LYS B 311 -4.59 -6.08 35.41
CA LYS B 311 -5.93 -5.90 34.88
C LYS B 311 -6.77 -5.35 36.04
N PRO B 312 -7.34 -4.15 35.89
CA PRO B 312 -8.17 -3.56 36.97
C PRO B 312 -9.48 -4.31 37.12
N GLY B 313 -9.66 -4.97 38.27
CA GLY B 313 -10.88 -5.74 38.51
C GLY B 313 -12.14 -4.90 38.43
N GLY B 314 -13.00 -5.24 37.49
CA GLY B 314 -14.23 -4.48 37.32
C GLY B 314 -14.36 -3.97 35.89
N GLU B 315 -13.22 -3.79 35.23
CA GLU B 315 -13.22 -3.35 33.84
C GLU B 315 -13.39 -4.60 33.00
N CYS B 316 -14.39 -4.58 32.13
CA CYS B 316 -14.74 -5.74 31.31
C CYS B 316 -13.68 -6.28 30.35
N ASP B 317 -13.75 -7.58 30.07
CA ASP B 317 -12.82 -8.23 29.15
C ASP B 317 -13.38 -8.19 27.72
N GLY B 318 -14.69 -8.10 27.60
CA GLY B 318 -15.31 -8.09 26.29
C GLY B 318 -16.83 -8.15 26.42
N THR B 319 -17.54 -7.75 25.37
CA THR B 319 -18.99 -7.74 25.40
C THR B 319 -19.61 -9.10 25.10
N SER B 320 -20.71 -9.41 25.77
CA SER B 320 -21.39 -10.69 25.55
C SER B 320 -22.56 -10.47 24.59
N ASP B 321 -22.76 -9.21 24.21
CA ASP B 321 -23.84 -8.82 23.30
C ASP B 321 -23.45 -9.15 21.87
N SER B 322 -24.03 -10.23 21.33
CA SER B 322 -23.75 -10.70 19.98
C SER B 322 -24.08 -9.72 18.86
N SER B 323 -25.04 -8.83 19.11
CA SER B 323 -25.44 -7.85 18.11
C SER B 323 -24.50 -6.65 18.12
N ALA B 324 -23.57 -6.63 19.06
CA ALA B 324 -22.63 -5.54 19.18
C ALA B 324 -21.33 -5.82 18.46
N PRO B 325 -20.59 -4.77 18.06
CA PRO B 325 -19.33 -4.98 17.36
C PRO B 325 -18.27 -5.49 18.35
N ARG B 326 -17.25 -6.14 17.83
CA ARG B 326 -16.17 -6.68 18.65
C ARG B 326 -16.63 -7.80 19.58
N PHE B 327 -17.75 -8.41 19.23
CA PHE B 327 -18.29 -9.51 20.02
C PHE B 327 -17.42 -10.75 19.82
N ASP B 328 -16.96 -11.32 20.92
CA ASP B 328 -16.13 -12.53 20.88
C ASP B 328 -16.95 -13.62 21.56
N SER B 329 -17.18 -14.73 20.87
CA SER B 329 -17.98 -15.82 21.43
C SER B 329 -17.42 -16.34 22.75
N HIS B 330 -16.14 -16.10 23.01
CA HIS B 330 -15.55 -16.54 24.27
C HIS B 330 -16.26 -15.84 25.44
N CYS B 331 -16.84 -14.68 25.16
CA CYS B 331 -17.53 -13.93 26.20
C CYS B 331 -19.01 -14.33 26.36
N ALA B 332 -19.42 -15.37 25.65
CA ALA B 332 -20.79 -15.85 25.72
C ALA B 332 -20.84 -17.25 26.33
N LEU B 333 -19.67 -17.82 26.62
CA LEU B 333 -19.59 -19.15 27.20
C LEU B 333 -20.26 -19.22 28.57
N PRO B 334 -20.60 -20.45 29.02
CA PRO B 334 -21.24 -20.67 30.31
C PRO B 334 -20.49 -20.08 31.49
N ASP B 335 -19.15 -20.05 31.41
CA ASP B 335 -18.35 -19.52 32.50
C ASP B 335 -17.93 -18.07 32.33
N ALA B 336 -18.65 -17.36 31.46
CA ALA B 336 -18.40 -15.95 31.22
C ALA B 336 -19.62 -15.23 31.79
N LEU B 337 -19.41 -14.29 32.72
CA LEU B 337 -20.53 -13.57 33.33
C LEU B 337 -21.27 -12.69 32.33
N GLN B 338 -22.60 -12.70 32.41
CA GLN B 338 -23.41 -11.89 31.51
C GLN B 338 -24.60 -11.20 32.16
N PRO B 339 -25.11 -10.13 31.52
CA PRO B 339 -24.60 -9.60 30.25
C PRO B 339 -23.36 -8.73 30.51
N ALA B 340 -22.46 -8.65 29.53
CA ALA B 340 -21.23 -7.87 29.70
C ALA B 340 -21.06 -6.75 28.67
N PRO B 341 -20.57 -5.58 29.12
CA PRO B 341 -20.33 -4.39 28.29
C PRO B 341 -19.08 -4.52 27.43
N GLN B 342 -18.80 -3.52 26.60
CA GLN B 342 -17.62 -3.53 25.74
C GLN B 342 -16.38 -3.69 26.61
N ALA B 343 -15.30 -4.18 26.01
CA ALA B 343 -14.03 -4.36 26.72
C ALA B 343 -13.54 -3.02 27.27
N GLY B 344 -13.12 -3.03 28.53
CA GLY B 344 -12.62 -1.81 29.14
C GLY B 344 -13.67 -1.04 29.92
N ALA B 345 -14.94 -1.20 29.55
CA ALA B 345 -16.03 -0.51 30.22
C ALA B 345 -16.28 -1.13 31.59
N TRP B 346 -16.88 -0.36 32.49
CA TRP B 346 -17.16 -0.86 33.83
C TRP B 346 -18.26 -1.92 33.83
N PHE B 347 -17.95 -3.04 34.48
CA PHE B 347 -18.87 -4.18 34.59
C PHE B 347 -19.22 -4.32 36.08
N GLN B 348 -20.27 -3.60 36.50
CA GLN B 348 -20.69 -3.61 37.90
C GLN B 348 -20.88 -4.97 38.53
N ALA B 349 -21.68 -5.81 37.88
CA ALA B 349 -21.94 -7.15 38.41
C ALA B 349 -20.63 -7.89 38.64
N TYR B 350 -19.66 -7.71 37.74
CA TYR B 350 -18.39 -8.39 37.89
C TYR B 350 -17.54 -7.81 39.03
N PHE B 351 -17.65 -6.51 39.26
CA PHE B 351 -16.92 -5.89 40.35
C PHE B 351 -17.42 -6.48 41.67
N VAL B 352 -18.74 -6.55 41.83
CA VAL B 352 -19.34 -7.08 43.04
C VAL B 352 -18.93 -8.54 43.26
N GLN B 353 -18.87 -9.30 42.18
CA GLN B 353 -18.45 -10.71 42.29
C GLN B 353 -17.05 -10.76 42.88
N LEU B 354 -16.14 -9.95 42.34
CA LEU B 354 -14.75 -9.91 42.81
C LEU B 354 -14.63 -9.47 44.26
N LEU B 355 -15.40 -8.45 44.62
CA LEU B 355 -15.38 -7.92 45.99
C LEU B 355 -15.91 -8.98 46.96
N THR B 356 -16.98 -9.65 46.58
CA THR B 356 -17.59 -10.68 47.41
C THR B 356 -16.67 -11.88 47.61
N ASN B 357 -16.04 -12.34 46.52
CA ASN B 357 -15.13 -13.49 46.57
C ASN B 357 -13.69 -13.11 46.92
N ALA B 358 -13.45 -11.86 47.28
CA ALA B 358 -12.10 -11.40 47.60
C ALA B 358 -11.39 -12.20 48.68
N ASN B 359 -10.08 -12.40 48.47
CA ASN B 359 -9.22 -13.13 49.41
C ASN B 359 -7.76 -12.76 49.17
N PRO B 360 -7.14 -12.00 50.09
CA PRO B 360 -7.66 -11.46 51.36
C PRO B 360 -8.97 -10.67 51.18
N SER B 361 -9.86 -10.80 52.16
CA SER B 361 -11.16 -10.13 52.13
C SER B 361 -11.08 -8.64 52.40
N PHE B 362 -12.05 -7.90 51.84
CA PHE B 362 -12.16 -6.46 52.05
C PHE B 362 -13.29 -6.26 53.05
N LEU B 363 -14.24 -7.18 53.03
CA LEU B 363 -15.38 -7.15 53.95
C LEU B 363 -14.90 -7.59 55.32
#